data_5T9T
#
_entry.id   5T9T
#
_cell.length_a   80.722
_cell.length_b   118.067
_cell.length_c   98.190
_cell.angle_alpha   90.00
_cell.angle_beta   103.91
_cell.angle_gamma   90.00
#
_symmetry.space_group_name_H-M   'P 1 21 1'
#
loop_
_entity.id
_entity.type
_entity.pdbx_description
1 polymer 'Protocadherin gamma B2-alpha C'
2 branched beta-D-mannopyranose-(1-4)-2-acetamido-2-deoxy-beta-D-glucopyranose-(1-4)-[alpha-L-fucopyranose-(1-6)]2-acetamido-2-deoxy-beta-D-glucopyranose
3 non-polymer 'CALCIUM ION'
4 non-polymer alpha-D-mannopyranose
5 non-polymer 2-acetamido-2-deoxy-beta-D-glucopyranose
6 water water
#
_entity_poly.entity_id   1
_entity_poly.type   'polypeptide(L)'
_entity_poly.pdbx_seq_one_letter_code
;DQIRYSIPEELAKNSIVGNLARDLGLSVQNLPTRKLRVSAEKDYFTVNPESGDLLVGDRIDREQVCGKQPQCVLEFDIVA
EKPLNIFHVAVILQDVNDNAPLFKQSEVDLNIGESTRPGKAFPLDPALDLDAGSNSLQKYYLTDNEYFEVTEKETPDGRK
YPELILKRFLDREEHNFHQLVLTAVDGGDPPRSGTTQIRIQVTDINDNPPMFSQDVFSVTLREDVPPGFSVLQVTATDQD
EGVNAEITYAFHNVDEQVERIFNLDKRTGEITTKDNLDFETAKSYTLNVEAKDPGDLASHCSIQVKILDENDCVPEVIVT
SVFTPLPEDSPLGTVIALIKTRDRDSGENGDVYCHVLGNEGFVLKSSSKNYYKLVTDRTLDREAIPEYNVTIVAADRGKP
PLSSNVIITLHISDVNDNAPVFHQASYLVHVAENNPPGTSIAQVSASDPDLGSNGLISYSIIASDLEPRALSSFVSVNQD
SGVVFAQRAFDHEQLRSFQLTLQARDHGSPTLSANVSMRVLVGDRNDHHHHHHHH
;
_entity_poly.pdbx_strand_id   A,B
#
loop_
_chem_comp.id
_chem_comp.type
_chem_comp.name
_chem_comp.formula
BMA D-saccharide, beta linking beta-D-mannopyranose 'C6 H12 O6'
CA non-polymer 'CALCIUM ION' 'Ca 2'
FUC L-saccharide, alpha linking alpha-L-fucopyranose 'C6 H12 O5'
MAN D-saccharide, alpha linking alpha-D-mannopyranose 'C6 H12 O6'
NAG D-saccharide, beta linking 2-acetamido-2-deoxy-beta-D-glucopyranose 'C8 H15 N O6'
#
# COMPACT_ATOMS: atom_id res chain seq x y z
N ASP A 1 -25.90 -37.61 52.53
CA ASP A 1 -26.29 -38.98 52.81
C ASP A 1 -27.16 -39.52 51.69
N GLN A 2 -26.54 -40.01 50.62
CA GLN A 2 -27.26 -40.37 49.42
C GLN A 2 -26.85 -41.76 48.92
N ILE A 3 -27.69 -42.30 48.05
CA ILE A 3 -27.43 -43.55 47.35
C ILE A 3 -27.17 -43.23 45.88
N ARG A 4 -26.43 -44.11 45.20
CA ARG A 4 -25.94 -43.83 43.85
C ARG A 4 -26.32 -44.96 42.90
N TYR A 5 -26.87 -44.59 41.74
CA TYR A 5 -27.26 -45.54 40.69
C TYR A 5 -26.60 -45.14 39.38
N SER A 6 -26.32 -46.14 38.54
CA SER A 6 -25.59 -45.93 37.28
C SER A 6 -26.40 -46.47 36.11
N ILE A 7 -26.61 -45.62 35.10
CA ILE A 7 -27.29 -46.01 33.85
C ILE A 7 -26.61 -45.29 32.68
N PRO A 8 -26.85 -45.72 31.45
CA PRO A 8 -26.46 -44.90 30.29
C PRO A 8 -27.50 -43.85 29.94
N GLU A 9 -27.03 -42.77 29.32
CA GLU A 9 -27.92 -41.68 28.95
C GLU A 9 -28.82 -42.08 27.79
N GLU A 10 -29.76 -41.19 27.46
CA GLU A 10 -30.75 -41.42 26.39
C GLU A 10 -31.47 -42.74 26.59
N LEU A 11 -31.59 -43.18 27.85
CA LEU A 11 -32.19 -44.47 28.14
C LEU A 11 -33.68 -44.44 27.86
N ALA A 12 -34.23 -45.61 27.56
CA ALA A 12 -35.66 -45.71 27.29
C ALA A 12 -36.46 -45.30 28.51
N LYS A 13 -37.54 -44.56 28.27
CA LYS A 13 -38.41 -44.13 29.36
C LYS A 13 -39.03 -45.35 30.04
N ASN A 14 -39.32 -45.20 31.33
CA ASN A 14 -39.92 -46.26 32.16
C ASN A 14 -39.01 -47.48 32.26
N SER A 15 -37.70 -47.27 32.12
CA SER A 15 -36.71 -48.31 32.37
C SER A 15 -36.26 -48.21 33.83
N ILE A 16 -36.27 -49.34 34.53
CA ILE A 16 -36.02 -49.33 35.97
C ILE A 16 -34.57 -48.92 36.23
N VAL A 17 -34.40 -47.88 37.05
CA VAL A 17 -33.06 -47.49 37.49
C VAL A 17 -32.58 -48.37 38.63
N GLY A 18 -33.50 -48.88 39.43
CA GLY A 18 -33.19 -49.69 40.60
C GLY A 18 -34.31 -49.59 41.60
N ASN A 19 -34.42 -50.61 42.45
CA ASN A 19 -35.48 -50.67 43.46
C ASN A 19 -34.98 -50.02 44.75
N LEU A 20 -35.60 -48.91 45.12
CA LEU A 20 -35.26 -48.20 46.36
C LEU A 20 -35.96 -48.78 47.57
N ALA A 21 -36.99 -49.61 47.37
CA ALA A 21 -37.64 -50.26 48.50
C ALA A 21 -36.68 -51.19 49.23
N ARG A 22 -35.79 -51.85 48.48
CA ARG A 22 -34.79 -52.71 49.10
C ARG A 22 -33.65 -51.90 49.71
N ASP A 23 -33.21 -50.84 49.04
CA ASP A 23 -32.10 -50.05 49.53
C ASP A 23 -32.49 -49.16 50.71
N LEU A 24 -33.77 -48.90 50.91
CA LEU A 24 -34.24 -48.01 51.96
C LEU A 24 -35.02 -48.72 53.06
N GLY A 25 -35.13 -50.05 53.00
CA GLY A 25 -35.72 -50.82 54.06
C GLY A 25 -37.17 -50.48 54.37
N LEU A 26 -38.02 -50.48 53.35
CA LEU A 26 -39.44 -50.18 53.50
C LEU A 26 -40.24 -51.38 53.00
N SER A 27 -41.11 -51.93 53.85
CA SER A 27 -41.98 -53.01 53.42
C SER A 27 -42.89 -52.56 52.29
N VAL A 28 -43.24 -53.49 51.41
CA VAL A 28 -44.05 -53.15 50.25
C VAL A 28 -45.47 -52.75 50.66
N GLN A 29 -45.89 -53.11 51.87
CA GLN A 29 -47.16 -52.62 52.42
C GLN A 29 -46.97 -51.35 53.25
N ASN A 30 -45.81 -51.20 53.88
CA ASN A 30 -45.46 -49.96 54.55
C ASN A 30 -45.31 -48.82 53.55
N LEU A 31 -45.03 -49.14 52.29
CA LEU A 31 -44.73 -48.13 51.29
C LEU A 31 -45.99 -47.39 50.79
N PRO A 32 -47.07 -48.07 50.38
CA PRO A 32 -48.22 -47.32 49.86
C PRO A 32 -48.86 -46.43 50.91
N THR A 33 -48.75 -46.81 52.19
CA THR A 33 -48.98 -45.89 53.31
C THR A 33 -48.32 -44.56 53.01
N ARG A 34 -47.08 -44.63 52.53
CA ARG A 34 -46.25 -43.46 52.30
C ARG A 34 -46.48 -42.94 50.89
N LYS A 35 -46.75 -41.65 50.78
CA LYS A 35 -46.54 -41.00 49.50
C LYS A 35 -45.07 -41.07 49.15
N LEU A 36 -44.67 -41.93 48.22
CA LEU A 36 -43.35 -41.82 47.63
C LEU A 36 -43.42 -40.86 46.45
N ARG A 37 -42.51 -39.89 46.43
CA ARG A 37 -42.51 -38.91 45.36
C ARG A 37 -41.08 -38.47 45.08
N VAL A 38 -40.87 -37.94 43.88
CA VAL A 38 -39.58 -37.38 43.47
C VAL A 38 -39.69 -35.86 43.46
N SER A 39 -38.71 -35.21 44.09
CA SER A 39 -38.59 -33.76 44.08
C SER A 39 -37.32 -33.40 43.34
N ALA A 40 -37.48 -32.69 42.21
CA ALA A 40 -36.36 -32.29 41.37
C ALA A 40 -36.75 -31.03 40.62
N GLU A 41 -35.73 -30.23 40.26
CA GLU A 41 -35.98 -29.01 39.50
C GLU A 41 -36.61 -29.33 38.15
N LYS A 42 -36.00 -30.23 37.40
CA LYS A 42 -36.57 -30.78 36.18
C LYS A 42 -36.85 -32.26 36.41
N ASP A 43 -38.08 -32.69 36.11
CA ASP A 43 -38.51 -34.05 36.42
C ASP A 43 -37.95 -35.00 35.38
N TYR A 44 -36.71 -35.46 35.61
CA TYR A 44 -36.11 -36.51 34.79
C TYR A 44 -36.56 -37.90 35.21
N PHE A 45 -37.04 -38.05 36.45
CA PHE A 45 -37.43 -39.35 36.99
C PHE A 45 -38.77 -39.25 37.68
N THR A 46 -39.48 -40.38 37.73
CA THR A 46 -40.66 -40.54 38.56
C THR A 46 -40.68 -41.95 39.12
N VAL A 47 -41.51 -42.16 40.13
CA VAL A 47 -41.64 -43.46 40.79
C VAL A 47 -43.10 -43.89 40.77
N ASN A 48 -43.33 -45.15 40.46
CA ASN A 48 -44.63 -45.75 40.67
C ASN A 48 -44.72 -46.22 42.12
N PRO A 49 -45.69 -45.74 42.91
CA PRO A 49 -45.77 -46.16 44.31
C PRO A 49 -45.92 -47.66 44.45
N GLU A 50 -46.98 -48.24 43.85
CA GLU A 50 -47.20 -49.68 43.96
C GLU A 50 -45.96 -50.49 43.58
N SER A 51 -45.11 -49.94 42.71
CA SER A 51 -43.92 -50.68 42.27
C SER A 51 -42.81 -50.61 43.32
N GLY A 52 -42.53 -49.43 43.84
CA GLY A 52 -41.45 -49.29 44.81
C GLY A 52 -40.06 -49.24 44.21
N ASP A 53 -39.94 -48.88 42.93
CA ASP A 53 -38.65 -48.78 42.27
C ASP A 53 -38.63 -47.54 41.39
N LEU A 54 -37.41 -47.13 41.01
CA LEU A 54 -37.19 -45.88 40.31
C LEU A 54 -37.49 -46.03 38.82
N LEU A 55 -38.01 -44.96 38.21
CA LEU A 55 -38.40 -44.98 36.81
C LEU A 55 -37.87 -43.74 36.09
N VAL A 56 -37.27 -43.97 34.92
CA VAL A 56 -36.81 -42.87 34.08
C VAL A 56 -38.01 -42.14 33.48
N GLY A 57 -37.96 -40.81 33.52
CA GLY A 57 -39.06 -40.01 33.00
C GLY A 57 -38.76 -39.30 31.70
N ASP A 58 -38.44 -38.01 31.79
CA ASP A 58 -38.19 -37.21 30.60
C ASP A 58 -36.89 -37.63 29.92
N ARG A 59 -36.62 -37.01 28.79
CA ARG A 59 -35.40 -37.30 28.03
C ARG A 59 -34.17 -36.90 28.84
N ILE A 60 -33.37 -37.89 29.24
CA ILE A 60 -32.15 -37.62 29.99
C ILE A 60 -30.98 -37.46 29.02
N ASP A 61 -30.86 -36.28 28.43
CA ASP A 61 -29.75 -35.98 27.53
C ASP A 61 -28.62 -35.39 28.35
N ARG A 62 -27.48 -36.09 28.37
CA ARG A 62 -26.35 -35.67 29.20
C ARG A 62 -25.77 -34.34 28.73
N GLU A 63 -25.71 -34.13 27.42
CA GLU A 63 -25.00 -32.99 26.88
C GLU A 63 -25.72 -31.67 27.18
N GLN A 64 -27.03 -31.72 27.39
CA GLN A 64 -27.78 -30.54 27.80
C GLN A 64 -27.87 -30.39 29.31
N VAL A 65 -27.24 -31.29 30.06
CA VAL A 65 -27.29 -31.25 31.52
C VAL A 65 -25.90 -30.96 32.07
N CYS A 66 -25.00 -31.96 32.02
CA CYS A 66 -23.69 -31.79 32.60
C CYS A 66 -22.74 -31.01 31.69
N GLY A 67 -22.95 -31.07 30.38
CA GLY A 67 -22.05 -30.42 29.45
C GLY A 67 -20.70 -31.10 29.39
N LYS A 68 -19.64 -30.33 29.67
CA LYS A 68 -18.28 -30.84 29.57
C LYS A 68 -17.81 -31.56 30.82
N GLN A 69 -18.49 -31.37 31.96
CA GLN A 69 -18.13 -31.89 33.28
C GLN A 69 -17.64 -33.34 33.18
N PRO A 70 -16.49 -33.66 33.78
CA PRO A 70 -15.92 -35.01 33.61
C PRO A 70 -16.83 -36.12 34.10
N GLN A 71 -17.46 -35.95 35.25
CA GLN A 71 -18.41 -36.91 35.78
C GLN A 71 -19.77 -36.24 35.88
N CYS A 72 -20.82 -36.99 35.53
CA CYS A 72 -22.19 -36.48 35.52
C CYS A 72 -22.97 -37.10 36.67
N VAL A 73 -23.48 -36.27 37.57
CA VAL A 73 -24.21 -36.69 38.75
C VAL A 73 -25.50 -35.89 38.82
N LEU A 74 -26.64 -36.60 38.86
CA LEU A 74 -27.94 -35.96 39.04
C LEU A 74 -28.36 -36.09 40.50
N GLU A 75 -28.47 -34.95 41.19
CA GLU A 75 -28.89 -34.90 42.58
C GLU A 75 -30.35 -34.51 42.66
N PHE A 76 -31.14 -35.34 43.35
CA PHE A 76 -32.56 -35.05 43.54
C PHE A 76 -33.01 -35.70 44.84
N ASP A 77 -34.18 -35.27 45.30
CA ASP A 77 -34.73 -35.75 46.56
C ASP A 77 -35.92 -36.66 46.32
N ILE A 78 -36.25 -37.43 47.35
CA ILE A 78 -37.41 -38.31 47.36
C ILE A 78 -38.17 -38.03 48.65
N VAL A 79 -39.44 -37.67 48.53
CA VAL A 79 -40.24 -37.25 49.66
C VAL A 79 -41.19 -38.37 50.05
N ALA A 80 -41.28 -38.63 51.35
CA ALA A 80 -42.17 -39.63 51.93
C ALA A 80 -42.97 -39.00 53.06
N GLU A 81 -44.20 -39.47 53.24
CA GLU A 81 -45.16 -38.86 54.15
C GLU A 81 -45.71 -39.92 55.10
N LYS A 82 -45.80 -39.57 56.39
CA LYS A 82 -46.29 -40.45 57.47
C LYS A 82 -45.35 -41.61 57.79
N PRO A 83 -44.23 -41.33 58.48
CA PRO A 83 -43.82 -39.99 58.92
C PRO A 83 -43.07 -39.25 57.82
N LEU A 84 -43.10 -37.92 57.88
CA LEU A 84 -42.44 -37.12 56.86
C LEU A 84 -40.94 -37.35 56.89
N ASN A 85 -40.36 -37.57 55.70
CA ASN A 85 -38.94 -37.84 55.60
C ASN A 85 -38.48 -37.54 54.18
N ILE A 86 -37.25 -37.09 54.06
CA ILE A 86 -36.65 -36.73 52.78
C ILE A 86 -35.37 -37.56 52.61
N PHE A 87 -35.29 -38.29 51.51
CA PHE A 87 -34.13 -39.11 51.18
C PHE A 87 -33.42 -38.49 49.98
N HIS A 88 -32.10 -38.60 49.97
CA HIS A 88 -31.29 -37.97 48.93
C HIS A 88 -30.75 -39.04 48.00
N VAL A 89 -30.96 -38.84 46.69
CA VAL A 89 -30.54 -39.80 45.68
C VAL A 89 -29.85 -39.05 44.55
N ALA A 90 -28.73 -39.58 44.09
CA ALA A 90 -27.99 -39.03 42.97
C ALA A 90 -27.60 -40.18 42.04
N VAL A 91 -27.83 -40.00 40.74
CA VAL A 91 -27.57 -41.05 39.76
C VAL A 91 -26.41 -40.61 38.86
N ILE A 92 -25.52 -41.55 38.59
CA ILE A 92 -24.44 -41.38 37.63
C ILE A 92 -24.91 -41.92 36.29
N LEU A 93 -24.75 -41.15 35.22
CA LEU A 93 -25.08 -41.63 33.90
C LEU A 93 -23.82 -41.67 33.04
N GLN A 94 -23.70 -42.75 32.26
CA GLN A 94 -22.52 -43.00 31.45
C GLN A 94 -22.69 -42.35 30.08
N ASP A 95 -21.59 -41.79 29.56
CA ASP A 95 -21.65 -41.08 28.30
C ASP A 95 -21.78 -42.05 27.13
N VAL A 96 -22.67 -41.72 26.20
CA VAL A 96 -22.82 -42.45 24.95
C VAL A 96 -22.26 -41.60 23.83
N ASN A 97 -21.44 -42.21 22.97
CA ASN A 97 -20.84 -41.50 21.85
C ASN A 97 -21.87 -41.39 20.72
N ASP A 98 -22.93 -40.62 21.01
CA ASP A 98 -24.00 -40.38 20.04
C ASP A 98 -23.87 -39.03 19.34
N ASN A 99 -22.94 -38.18 19.76
CA ASN A 99 -22.67 -36.90 19.10
C ASN A 99 -21.30 -36.98 18.45
N ALA A 100 -21.26 -36.74 17.14
CA ALA A 100 -20.04 -36.70 16.36
C ALA A 100 -19.47 -35.28 16.35
N PRO A 101 -18.14 -35.13 16.37
CA PRO A 101 -17.57 -33.78 16.31
C PRO A 101 -17.91 -33.11 14.99
N LEU A 102 -18.36 -31.87 15.08
CA LEU A 102 -18.78 -31.11 13.90
C LEU A 102 -18.35 -29.67 14.04
N PHE A 103 -17.81 -29.11 12.96
CA PHE A 103 -17.35 -27.73 12.97
C PHE A 103 -18.53 -26.77 12.87
N LYS A 104 -18.33 -25.57 13.39
CA LYS A 104 -19.42 -24.61 13.48
C LYS A 104 -19.89 -24.17 12.09
N GLN A 105 -18.96 -24.05 11.14
CA GLN A 105 -19.28 -23.54 9.81
C GLN A 105 -18.89 -24.55 8.74
N SER A 106 -19.71 -24.64 7.70
CA SER A 106 -19.43 -25.57 6.60
C SER A 106 -18.17 -25.15 5.85
N GLU A 107 -18.04 -23.85 5.55
CA GLU A 107 -16.90 -23.33 4.83
C GLU A 107 -16.34 -22.12 5.58
N VAL A 108 -15.01 -22.08 5.70
CA VAL A 108 -14.31 -20.93 6.25
C VAL A 108 -13.33 -20.42 5.20
N ASP A 109 -13.38 -19.12 4.93
CA ASP A 109 -12.53 -18.50 3.92
C ASP A 109 -11.58 -17.52 4.60
N LEU A 110 -10.29 -17.71 4.37
CA LEU A 110 -9.25 -16.90 4.97
C LEU A 110 -8.54 -16.07 3.92
N ASN A 111 -8.13 -14.87 4.30
CA ASN A 111 -7.28 -14.01 3.49
C ASN A 111 -5.90 -14.00 4.14
N ILE A 112 -4.93 -14.64 3.50
CA ILE A 112 -3.57 -14.72 4.00
C ILE A 112 -2.67 -13.88 3.09
N GLY A 113 -1.85 -13.03 3.69
CA GLY A 113 -0.95 -12.20 2.92
C GLY A 113 0.04 -13.03 2.13
N GLU A 114 0.47 -12.47 1.01
CA GLU A 114 1.38 -13.20 0.11
C GLU A 114 2.75 -13.37 0.75
N SER A 115 3.21 -12.37 1.51
CA SER A 115 4.54 -12.35 2.08
C SER A 115 4.55 -12.71 3.57
N THR A 116 3.59 -13.51 4.01
CA THR A 116 3.58 -13.96 5.40
C THR A 116 4.77 -14.88 5.64
N ARG A 117 5.49 -14.63 6.74
CA ARG A 117 6.69 -15.40 7.02
C ARG A 117 6.33 -16.84 7.35
N PRO A 118 7.08 -17.81 6.85
CA PRO A 118 6.83 -19.22 7.20
C PRO A 118 6.95 -19.45 8.70
N GLY A 119 6.27 -20.49 9.16
CA GLY A 119 6.17 -20.78 10.58
C GLY A 119 5.11 -19.98 11.32
N LYS A 120 4.60 -18.91 10.72
CA LYS A 120 3.54 -18.14 11.35
C LYS A 120 2.30 -19.00 11.54
N ALA A 121 1.65 -18.85 12.68
CA ALA A 121 0.51 -19.67 13.05
C ALA A 121 -0.79 -18.89 12.90
N PHE A 122 -1.80 -19.55 12.33
CA PHE A 122 -3.13 -18.96 12.17
C PHE A 122 -4.13 -19.77 12.99
N PRO A 123 -4.69 -19.22 14.05
CA PRO A 123 -5.62 -20.00 14.89
C PRO A 123 -6.90 -20.31 14.14
N LEU A 124 -7.40 -21.51 14.34
CA LEU A 124 -8.62 -21.98 13.70
C LEU A 124 -9.67 -22.29 14.75
N ASP A 125 -10.92 -22.01 14.41
CA ASP A 125 -12.03 -22.32 15.30
C ASP A 125 -12.11 -23.82 15.51
N PRO A 126 -12.19 -24.28 16.76
CA PRO A 126 -12.23 -25.73 17.01
C PRO A 126 -13.61 -26.32 16.82
N ALA A 127 -13.64 -27.61 16.49
CA ALA A 127 -14.89 -28.33 16.41
C ALA A 127 -15.46 -28.55 17.82
N LEU A 128 -16.72 -28.93 17.87
CA LEU A 128 -17.42 -29.16 19.14
C LEU A 128 -17.92 -30.59 19.20
N ASP A 129 -17.29 -31.40 20.05
CA ASP A 129 -17.75 -32.74 20.37
C ASP A 129 -18.18 -32.73 21.83
N LEU A 130 -19.49 -32.78 22.06
CA LEU A 130 -20.03 -32.55 23.39
C LEU A 130 -19.81 -33.73 24.34
N ASP A 131 -19.49 -34.91 23.81
CA ASP A 131 -19.20 -36.06 24.66
C ASP A 131 -17.99 -35.79 25.53
N ALA A 132 -17.83 -36.61 26.57
CA ALA A 132 -16.71 -36.47 27.50
C ALA A 132 -15.92 -37.77 27.56
N GLY A 133 -14.67 -37.66 27.98
CA GLY A 133 -13.79 -38.81 28.05
C GLY A 133 -13.13 -39.11 26.72
N SER A 134 -12.87 -40.40 26.48
CA SER A 134 -12.31 -40.81 25.20
C SER A 134 -13.25 -40.51 24.04
N ASN A 135 -14.56 -40.54 24.30
CA ASN A 135 -15.54 -40.25 23.27
C ASN A 135 -15.53 -38.79 22.83
N SER A 136 -14.74 -37.93 23.47
CA SER A 136 -14.60 -36.54 23.05
C SER A 136 -13.57 -36.45 21.93
N LEU A 137 -13.37 -35.23 21.44
CA LEU A 137 -12.47 -35.01 20.31
C LEU A 137 -11.04 -35.35 20.69
N GLN A 138 -10.32 -35.97 19.77
CA GLN A 138 -8.97 -36.46 20.06
C GLN A 138 -7.93 -36.05 19.03
N LYS A 139 -8.24 -36.12 17.74
CA LYS A 139 -7.23 -35.94 16.70
C LYS A 139 -7.76 -35.07 15.57
N TYR A 140 -7.09 -33.95 15.34
CA TYR A 140 -7.26 -33.17 14.12
C TYR A 140 -6.22 -33.60 13.10
N TYR A 141 -6.64 -33.76 11.85
CA TYR A 141 -5.65 -33.91 10.79
C TYR A 141 -6.21 -33.39 9.48
N LEU A 142 -5.30 -32.86 8.64
CA LEU A 142 -5.63 -32.06 7.48
C LEU A 142 -5.18 -32.76 6.20
N THR A 143 -5.73 -32.27 5.08
CA THR A 143 -5.33 -32.75 3.76
C THR A 143 -3.82 -32.71 3.60
N ASP A 144 -3.26 -33.83 3.15
CA ASP A 144 -1.84 -33.88 2.85
C ASP A 144 -1.53 -32.97 1.67
N ASN A 145 -0.73 -31.93 1.92
CA ASN A 145 -0.30 -31.01 0.88
C ASN A 145 1.05 -30.44 1.26
N GLU A 146 1.62 -29.64 0.36
CA GLU A 146 2.96 -29.10 0.56
C GLU A 146 2.94 -27.70 1.18
N TYR A 147 1.82 -27.00 1.11
CA TYR A 147 1.79 -25.59 1.49
C TYR A 147 1.47 -25.36 2.97
N PHE A 148 0.61 -26.17 3.58
CA PHE A 148 0.14 -25.89 4.93
C PHE A 148 0.24 -27.12 5.82
N GLU A 149 0.41 -26.86 7.12
CA GLU A 149 0.45 -27.87 8.16
C GLU A 149 -0.61 -27.52 9.21
N VAL A 150 -1.08 -28.54 9.92
CA VAL A 150 -2.06 -28.35 10.99
C VAL A 150 -1.50 -28.94 12.28
N THR A 151 -1.67 -28.22 13.38
CA THR A 151 -1.30 -28.72 14.70
C THR A 151 -2.34 -28.28 15.72
N GLU A 152 -2.49 -29.08 16.77
CA GLU A 152 -3.45 -28.80 17.84
C GLU A 152 -2.71 -28.12 18.99
N LYS A 153 -3.02 -26.84 19.20
CA LYS A 153 -2.37 -26.06 20.25
C LYS A 153 -3.18 -26.09 21.53
N GLU A 154 -2.48 -26.25 22.66
CA GLU A 154 -3.09 -26.17 23.98
C GLU A 154 -2.22 -25.24 24.82
N THR A 155 -2.71 -24.03 25.07
CA THR A 155 -1.98 -23.09 25.90
C THR A 155 -1.86 -23.63 27.33
N PRO A 156 -0.77 -23.31 28.02
CA PRO A 156 -0.60 -23.84 29.39
C PRO A 156 -1.70 -23.45 30.36
N ASP A 157 -2.50 -22.43 30.02
CA ASP A 157 -3.56 -21.99 30.94
C ASP A 157 -4.71 -22.97 30.97
N GLY A 158 -5.09 -23.55 29.83
CA GLY A 158 -6.15 -24.53 29.80
C GLY A 158 -6.86 -24.70 28.47
N ARG A 159 -7.21 -23.59 27.83
CA ARG A 159 -7.98 -23.65 26.59
C ARG A 159 -7.13 -24.25 25.46
N LYS A 160 -7.82 -24.89 24.51
CA LYS A 160 -7.17 -25.60 23.42
C LYS A 160 -7.93 -25.37 22.12
N TYR A 161 -7.19 -25.34 21.01
CA TYR A 161 -7.75 -25.09 19.68
C TYR A 161 -6.69 -25.45 18.65
N PRO A 162 -7.09 -25.83 17.44
CA PRO A 162 -6.12 -26.11 16.38
C PRO A 162 -5.75 -24.86 15.59
N GLU A 163 -4.53 -24.89 15.04
CA GLU A 163 -4.02 -23.79 14.25
C GLU A 163 -3.22 -24.31 13.06
N LEU A 164 -3.10 -23.44 12.05
CA LEU A 164 -2.36 -23.73 10.83
C LEU A 164 -0.94 -23.20 10.96
N ILE A 165 0.03 -24.07 10.76
CA ILE A 165 1.43 -23.67 10.66
C ILE A 165 1.79 -23.60 9.19
N LEU A 166 2.21 -22.42 8.74
CA LEU A 166 2.60 -22.25 7.36
C LEU A 166 3.92 -22.95 7.07
N LYS A 167 3.99 -23.60 5.91
CA LYS A 167 5.15 -24.40 5.55
C LYS A 167 6.16 -23.66 4.70
N ARG A 168 5.72 -22.72 3.86
CA ARG A 168 6.62 -22.05 2.93
C ARG A 168 5.98 -20.74 2.47
N PHE A 169 6.74 -19.98 1.68
CA PHE A 169 6.25 -18.69 1.21
C PHE A 169 5.12 -18.88 0.19
N LEU A 170 4.13 -18.00 0.26
CA LEU A 170 3.04 -18.01 -0.70
C LEU A 170 3.39 -17.17 -1.91
N ASP A 171 2.56 -17.29 -2.95
CA ASP A 171 2.80 -16.60 -4.22
C ASP A 171 1.52 -16.61 -5.05
N ARG A 172 0.79 -15.50 -5.07
CA ARG A 172 -0.50 -15.48 -5.75
C ARG A 172 -0.37 -15.63 -7.27
N GLU A 173 0.79 -15.29 -7.84
CA GLU A 173 1.03 -15.53 -9.25
C GLU A 173 1.38 -16.98 -9.55
N GLU A 174 1.49 -17.82 -8.53
CA GLU A 174 1.63 -19.27 -8.69
C GLU A 174 0.32 -20.00 -8.38
N HIS A 175 -0.31 -19.67 -7.26
CA HIS A 175 -1.64 -20.19 -6.92
C HIS A 175 -2.45 -19.04 -6.35
N ASN A 176 -3.58 -18.71 -6.98
CA ASN A 176 -4.42 -17.63 -6.47
C ASN A 176 -5.04 -17.98 -5.13
N PHE A 177 -5.34 -19.26 -4.91
CA PHE A 177 -6.07 -19.71 -3.73
C PHE A 177 -5.93 -21.22 -3.60
N HIS A 178 -6.09 -21.71 -2.37
CA HIS A 178 -6.10 -23.15 -2.11
C HIS A 178 -7.33 -23.51 -1.29
N GLN A 179 -7.77 -24.76 -1.41
CA GLN A 179 -8.90 -25.28 -0.66
C GLN A 179 -8.52 -26.62 -0.05
N LEU A 180 -8.71 -26.76 1.25
CA LEU A 180 -8.26 -27.95 1.97
C LEU A 180 -9.37 -28.48 2.87
N VAL A 181 -9.25 -29.77 3.19
CA VAL A 181 -10.24 -30.50 3.97
C VAL A 181 -9.62 -30.87 5.31
N LEU A 182 -10.21 -30.38 6.39
CA LEU A 182 -9.77 -30.67 7.75
C LEU A 182 -10.75 -31.63 8.41
N THR A 183 -10.22 -32.69 9.00
CA THR A 183 -11.02 -33.74 9.62
C THR A 183 -10.76 -33.78 11.12
N ALA A 184 -11.84 -33.79 11.89
CA ALA A 184 -11.80 -33.92 13.34
C ALA A 184 -12.33 -35.30 13.72
N VAL A 185 -11.56 -36.03 14.53
CA VAL A 185 -11.84 -37.43 14.85
C VAL A 185 -11.80 -37.62 16.36
N ASP A 186 -12.82 -38.29 16.89
CA ASP A 186 -12.85 -38.69 18.29
C ASP A 186 -12.28 -40.11 18.43
N GLY A 187 -12.08 -40.52 19.69
CA GLY A 187 -11.35 -41.75 19.94
C GLY A 187 -12.08 -42.85 20.68
N GLY A 188 -13.14 -43.40 20.08
CA GLY A 188 -13.84 -44.52 20.64
C GLY A 188 -14.22 -45.51 19.56
N ASP A 189 -14.88 -46.59 19.97
CA ASP A 189 -15.41 -47.58 19.03
C ASP A 189 -16.87 -47.28 18.69
N PRO A 190 -17.15 -46.85 17.45
CA PRO A 190 -16.20 -46.49 16.38
C PRO A 190 -15.99 -44.98 16.27
N PRO A 191 -14.84 -44.56 15.76
CA PRO A 191 -14.55 -43.11 15.71
C PRO A 191 -15.49 -42.39 14.76
N ARG A 192 -15.85 -41.17 15.12
CA ARG A 192 -16.77 -40.34 14.36
C ARG A 192 -16.03 -39.11 13.85
N SER A 193 -16.14 -38.86 12.55
CA SER A 193 -15.42 -37.74 11.93
C SER A 193 -16.36 -36.58 11.64
N GLY A 194 -15.76 -35.39 11.54
CA GLY A 194 -16.44 -34.21 11.06
C GLY A 194 -15.47 -33.37 10.26
N THR A 195 -15.85 -33.02 9.03
CA THR A 195 -14.96 -32.30 8.14
C THR A 195 -15.38 -30.83 8.01
N THR A 196 -14.42 -30.02 7.58
CA THR A 196 -14.70 -28.65 7.17
C THR A 196 -13.71 -28.26 6.08
N GLN A 197 -14.13 -27.33 5.22
CA GLN A 197 -13.31 -26.89 4.10
C GLN A 197 -12.80 -25.48 4.35
N ILE A 198 -11.51 -25.29 4.14
CA ILE A 198 -10.86 -24.00 4.32
C ILE A 198 -10.37 -23.51 2.96
N ARG A 199 -10.87 -22.36 2.52
CA ARG A 199 -10.41 -21.73 1.29
C ARG A 199 -9.59 -20.51 1.65
N ILE A 200 -8.31 -20.54 1.29
CA ILE A 200 -7.37 -19.45 1.56
C ILE A 200 -7.12 -18.72 0.25
N GLN A 201 -7.46 -17.43 0.21
CA GLN A 201 -7.27 -16.60 -0.97
C GLN A 201 -6.10 -15.67 -0.69
N VAL A 202 -4.97 -15.93 -1.36
CA VAL A 202 -3.76 -15.13 -1.16
C VAL A 202 -4.02 -13.69 -1.62
N THR A 203 -3.59 -12.74 -0.81
CA THR A 203 -3.73 -11.33 -1.11
C THR A 203 -2.46 -10.78 -1.73
N ASP A 204 -2.61 -9.82 -2.64
CA ASP A 204 -1.48 -9.29 -3.38
C ASP A 204 -0.62 -8.37 -2.53
N ILE A 205 0.69 -8.58 -2.57
CA ILE A 205 1.68 -7.61 -2.13
C ILE A 205 2.67 -7.39 -3.27
N ASN A 206 3.51 -6.37 -3.10
CA ASN A 206 4.34 -5.87 -4.19
C ASN A 206 5.67 -6.64 -4.23
N ASP A 207 5.80 -7.57 -5.17
CA ASP A 207 7.06 -8.29 -5.35
C ASP A 207 7.43 -8.52 -6.81
N ASN A 208 6.62 -8.08 -7.77
CA ASN A 208 6.95 -8.19 -9.18
C ASN A 208 7.00 -6.81 -9.80
N PRO A 209 8.06 -6.44 -10.50
CA PRO A 209 8.17 -5.10 -11.04
C PRO A 209 7.58 -5.03 -12.43
N PRO A 210 7.21 -3.84 -12.91
CA PRO A 210 6.86 -3.70 -14.33
C PRO A 210 8.03 -4.15 -15.19
N MET A 211 7.72 -4.80 -16.30
CA MET A 211 8.74 -5.31 -17.20
C MET A 211 8.40 -4.93 -18.62
N PHE A 212 9.43 -4.54 -19.37
CA PHE A 212 9.25 -4.14 -20.75
C PHE A 212 9.30 -5.35 -21.67
N SER A 213 8.66 -5.22 -22.83
CA SER A 213 8.56 -6.33 -23.76
C SER A 213 9.92 -6.73 -24.31
N GLN A 214 10.79 -5.75 -24.56
CA GLN A 214 12.13 -6.01 -25.07
C GLN A 214 13.12 -5.07 -24.38
N ASP A 215 14.40 -5.40 -24.51
CA ASP A 215 15.44 -4.56 -23.92
C ASP A 215 15.62 -3.25 -24.68
N VAL A 216 15.41 -3.26 -25.99
CA VAL A 216 15.69 -2.10 -26.83
C VAL A 216 14.66 -2.04 -27.96
N PHE A 217 14.25 -0.83 -28.33
CA PHE A 217 13.37 -0.57 -29.45
C PHE A 217 14.07 0.33 -30.45
N SER A 218 13.43 0.55 -31.61
CA SER A 218 14.00 1.39 -32.64
C SER A 218 12.91 2.05 -33.45
N VAL A 219 13.07 3.35 -33.72
CA VAL A 219 12.19 4.12 -34.58
C VAL A 219 13.03 5.11 -35.36
N THR A 220 12.53 5.50 -36.54
CA THR A 220 13.17 6.50 -37.38
C THR A 220 12.16 7.59 -37.72
N LEU A 221 12.68 8.82 -37.89
CA LEU A 221 11.83 9.97 -38.15
C LEU A 221 12.46 10.87 -39.20
N ARG A 222 11.62 11.52 -39.99
CA ARG A 222 12.09 12.59 -40.87
C ARG A 222 12.44 13.82 -40.04
N GLU A 223 13.48 14.55 -40.46
CA GLU A 223 13.84 15.73 -39.69
C GLU A 223 12.87 16.89 -39.88
N ASP A 224 11.68 16.68 -40.45
CA ASP A 224 10.70 17.73 -40.59
C ASP A 224 9.34 17.33 -40.01
N VAL A 225 9.31 16.35 -39.13
CA VAL A 225 8.04 15.98 -38.48
C VAL A 225 7.61 17.13 -37.56
N PRO A 226 6.35 17.53 -37.59
CA PRO A 226 5.92 18.71 -36.82
C PRO A 226 5.90 18.42 -35.34
N PRO A 227 5.85 19.45 -34.49
CA PRO A 227 5.75 19.22 -33.04
C PRO A 227 4.43 18.56 -32.68
N GLY A 228 4.53 17.47 -31.92
CA GLY A 228 3.38 16.66 -31.57
C GLY A 228 3.32 15.33 -32.29
N PHE A 229 4.31 15.01 -33.10
CA PHE A 229 4.31 13.77 -33.87
C PHE A 229 4.48 12.58 -32.93
N SER A 230 3.57 11.61 -33.03
CA SER A 230 3.68 10.39 -32.25
C SER A 230 4.93 9.62 -32.66
N VAL A 231 5.90 9.52 -31.75
CA VAL A 231 7.12 8.78 -32.03
C VAL A 231 6.91 7.31 -31.68
N LEU A 232 6.67 7.02 -30.40
CA LEU A 232 6.55 5.62 -30.01
C LEU A 232 5.90 5.44 -28.64
N GLN A 233 4.94 4.52 -28.53
CA GLN A 233 4.25 4.25 -27.28
C GLN A 233 4.80 2.97 -26.67
N VAL A 234 5.34 3.06 -25.45
CA VAL A 234 5.90 1.92 -24.74
C VAL A 234 4.96 1.54 -23.61
N THR A 235 4.91 0.23 -23.31
CA THR A 235 4.08 -0.28 -22.24
C THR A 235 4.84 -1.36 -21.47
N ALA A 236 4.53 -1.48 -20.18
CA ALA A 236 5.10 -2.48 -19.30
C ALA A 236 4.00 -3.32 -18.67
N THR A 237 4.35 -4.55 -18.29
CA THR A 237 3.39 -5.51 -17.76
C THR A 237 3.75 -5.84 -16.32
N ASP A 238 2.85 -5.53 -15.39
CA ASP A 238 3.05 -5.79 -13.98
C ASP A 238 2.14 -6.94 -13.56
N GLN A 239 2.74 -8.01 -13.05
CA GLN A 239 2.00 -9.22 -12.68
C GLN A 239 1.23 -9.10 -11.38
N ASP A 240 1.27 -7.94 -10.72
CA ASP A 240 0.51 -7.74 -9.50
C ASP A 240 -0.88 -7.21 -9.84
N GLU A 241 -1.70 -7.01 -8.81
CA GLU A 241 -3.01 -6.40 -8.97
C GLU A 241 -3.12 -5.21 -8.02
N GLY A 242 -4.20 -4.44 -8.18
CA GLY A 242 -4.40 -3.30 -7.31
C GLY A 242 -3.40 -2.18 -7.58
N VAL A 243 -3.22 -1.34 -6.56
CA VAL A 243 -2.30 -0.21 -6.69
C VAL A 243 -0.86 -0.66 -6.86
N ASN A 244 -0.53 -1.88 -6.43
CA ASN A 244 0.80 -2.44 -6.67
C ASN A 244 1.00 -2.84 -8.13
N ALA A 245 0.02 -2.59 -8.99
CA ALA A 245 0.16 -2.81 -10.43
C ALA A 245 0.13 -1.52 -11.23
N GLU A 246 -0.13 -0.38 -10.60
CA GLU A 246 -0.05 0.90 -11.29
C GLU A 246 1.37 1.12 -11.79
N ILE A 247 1.48 1.61 -13.03
CA ILE A 247 2.77 1.80 -13.68
C ILE A 247 2.93 3.26 -14.04
N THR A 248 4.10 3.81 -13.70
CA THR A 248 4.46 5.18 -14.06
C THR A 248 5.70 5.14 -14.95
N TYR A 249 5.67 5.95 -15.99
CA TYR A 249 6.77 6.07 -16.94
C TYR A 249 7.41 7.44 -16.82
N ALA A 250 8.73 7.50 -16.98
CA ALA A 250 9.41 8.79 -16.89
C ALA A 250 10.74 8.71 -17.62
N PHE A 251 11.09 9.82 -18.29
CA PHE A 251 12.45 9.98 -18.78
C PHE A 251 13.42 10.03 -17.59
N HIS A 252 14.53 9.33 -17.72
CA HIS A 252 15.57 9.39 -16.70
C HIS A 252 16.92 9.14 -17.35
N ASN A 253 17.92 9.92 -16.94
CA ASN A 253 19.28 9.85 -17.49
C ASN A 253 19.27 10.09 -19.00
N VAL A 254 18.74 11.23 -19.38
CA VAL A 254 18.73 11.66 -20.78
C VAL A 254 19.49 12.97 -20.88
N ASP A 255 20.12 13.20 -22.03
CA ASP A 255 20.74 14.49 -22.29
C ASP A 255 19.68 15.59 -22.23
N GLU A 256 20.14 16.82 -21.99
CA GLU A 256 19.20 17.93 -21.78
C GLU A 256 18.33 18.14 -23.00
N GLN A 257 18.93 18.23 -24.19
CA GLN A 257 18.16 18.45 -25.40
C GLN A 257 17.23 17.28 -25.70
N VAL A 258 17.61 16.06 -25.28
CA VAL A 258 16.73 14.91 -25.46
C VAL A 258 15.42 15.12 -24.72
N GLU A 259 15.48 15.63 -23.50
CA GLU A 259 14.27 15.90 -22.73
C GLU A 259 13.55 17.14 -23.22
N ARG A 260 14.28 18.12 -23.76
CA ARG A 260 13.64 19.34 -24.25
C ARG A 260 12.87 19.09 -25.55
N ILE A 261 13.41 18.25 -26.42
CA ILE A 261 12.78 18.03 -27.72
C ILE A 261 11.56 17.11 -27.58
N PHE A 262 11.66 16.07 -26.78
CA PHE A 262 10.63 15.06 -26.69
C PHE A 262 9.73 15.27 -25.48
N ASN A 263 8.68 14.46 -25.40
CA ASN A 263 7.71 14.53 -24.31
C ASN A 263 7.08 13.16 -24.16
N LEU A 264 7.15 12.62 -22.94
CA LEU A 264 6.60 11.31 -22.62
C LEU A 264 5.54 11.49 -21.54
N ASP A 265 4.32 11.05 -21.84
CA ASP A 265 3.25 11.10 -20.85
C ASP A 265 3.44 9.99 -19.82
N LYS A 266 3.27 10.34 -18.54
CA LYS A 266 3.58 9.41 -17.46
C LYS A 266 2.62 8.22 -17.45
N ARG A 267 1.31 8.48 -17.61
CA ARG A 267 0.33 7.41 -17.45
C ARG A 267 0.22 6.54 -18.69
N THR A 268 0.21 7.14 -19.88
CA THR A 268 -0.06 6.39 -21.11
C THR A 268 1.20 5.69 -21.62
N GLY A 269 2.36 6.33 -21.49
CA GLY A 269 3.59 5.75 -21.99
C GLY A 269 3.87 6.00 -23.45
N GLU A 270 3.28 7.02 -24.04
CA GLU A 270 3.51 7.37 -25.44
C GLU A 270 4.47 8.55 -25.53
N ILE A 271 5.35 8.51 -26.52
CA ILE A 271 6.42 9.49 -26.69
C ILE A 271 6.14 10.27 -27.96
N THR A 272 5.97 11.58 -27.83
CA THR A 272 5.71 12.50 -28.92
C THR A 272 6.68 13.68 -28.83
N THR A 273 7.07 14.21 -30.00
CA THR A 273 7.99 15.33 -30.03
C THR A 273 7.32 16.61 -29.56
N LYS A 274 8.11 17.50 -28.97
CA LYS A 274 7.64 18.80 -28.51
C LYS A 274 8.27 19.96 -29.26
N ASP A 275 9.19 19.70 -30.17
CA ASP A 275 9.83 20.76 -30.96
C ASP A 275 10.35 20.14 -32.25
N ASN A 276 10.83 21.00 -33.14
CA ASN A 276 11.30 20.56 -34.45
C ASN A 276 12.62 19.80 -34.31
N LEU A 277 12.78 18.79 -35.16
CA LEU A 277 14.04 18.05 -35.25
C LEU A 277 14.98 18.75 -36.24
N ASP A 278 16.24 18.34 -36.21
CA ASP A 278 17.22 18.86 -37.16
C ASP A 278 18.34 17.84 -37.30
N PHE A 279 18.42 17.23 -38.49
CA PHE A 279 19.45 16.21 -38.72
C PHE A 279 20.85 16.81 -38.68
N GLU A 280 21.00 18.06 -39.12
CA GLU A 280 22.31 18.70 -39.08
C GLU A 280 22.77 19.01 -37.66
N THR A 281 21.85 19.11 -36.71
CA THR A 281 22.21 19.36 -35.32
C THR A 281 22.45 18.06 -34.56
N ALA A 282 21.54 17.10 -34.68
CA ALA A 282 21.67 15.81 -34.01
C ALA A 282 21.19 14.72 -34.96
N LYS A 283 22.12 13.87 -35.41
CA LYS A 283 21.77 12.81 -36.35
C LYS A 283 20.88 11.74 -35.71
N SER A 284 20.92 11.59 -34.39
CA SER A 284 20.11 10.60 -33.71
C SER A 284 20.05 10.94 -32.23
N TYR A 285 19.00 10.46 -31.59
CA TYR A 285 18.85 10.55 -30.14
C TYR A 285 18.73 9.15 -29.56
N THR A 286 19.15 9.00 -28.31
CA THR A 286 18.92 7.77 -27.56
C THR A 286 18.06 8.09 -26.34
N LEU A 287 17.12 7.20 -26.05
CA LEU A 287 16.09 7.42 -25.06
C LEU A 287 16.14 6.31 -24.00
N ASN A 288 15.99 6.70 -22.74
CA ASN A 288 15.90 5.76 -21.64
C ASN A 288 14.64 6.06 -20.86
N VAL A 289 13.78 5.06 -20.70
CA VAL A 289 12.51 5.21 -20.01
C VAL A 289 12.50 4.30 -18.78
N GLU A 290 12.08 4.86 -17.66
CA GLU A 290 11.93 4.14 -16.41
C GLU A 290 10.46 3.89 -16.13
N ALA A 291 10.11 2.63 -15.87
CA ALA A 291 8.77 2.24 -15.48
C ALA A 291 8.81 1.70 -14.06
N LYS A 292 7.90 2.18 -13.21
CA LYS A 292 7.94 1.79 -11.81
C LYS A 292 6.53 1.85 -11.20
N ASP A 293 6.28 0.96 -10.27
CA ASP A 293 5.08 0.98 -9.45
C ASP A 293 5.30 1.86 -8.23
N PRO A 294 4.26 2.14 -7.43
CA PRO A 294 4.49 2.94 -6.22
C PRO A 294 5.45 2.31 -5.23
N GLY A 295 5.69 1.00 -5.32
CA GLY A 295 6.63 0.35 -4.43
C GLY A 295 8.07 0.53 -4.86
N ASP A 296 8.28 1.39 -5.85
CA ASP A 296 9.61 1.72 -6.38
C ASP A 296 10.34 0.51 -6.93
N LEU A 297 9.61 -0.56 -7.28
CA LEU A 297 10.17 -1.59 -8.14
C LEU A 297 10.12 -1.08 -9.58
N ALA A 298 11.24 -1.15 -10.28
CA ALA A 298 11.34 -0.52 -11.59
C ALA A 298 12.01 -1.44 -12.58
N SER A 299 11.77 -1.14 -13.86
CA SER A 299 12.56 -1.68 -14.96
C SER A 299 12.68 -0.59 -16.02
N HIS A 300 13.79 -0.61 -16.74
CA HIS A 300 14.14 0.45 -17.66
C HIS A 300 14.34 -0.11 -19.06
N CYS A 301 14.07 0.73 -20.06
CA CYS A 301 14.27 0.34 -21.44
C CYS A 301 14.92 1.49 -22.20
N SER A 302 15.38 1.18 -23.41
CA SER A 302 16.10 2.15 -24.25
C SER A 302 15.53 2.10 -25.66
N ILE A 303 15.05 3.25 -26.14
CA ILE A 303 14.55 3.39 -27.51
C ILE A 303 15.49 4.30 -28.28
N GLN A 304 15.99 3.81 -29.41
CA GLN A 304 16.94 4.55 -30.23
C GLN A 304 16.20 5.19 -31.40
N VAL A 305 16.30 6.50 -31.52
CA VAL A 305 15.66 7.27 -32.59
C VAL A 305 16.74 7.70 -33.56
N LYS A 306 16.62 7.27 -34.81
CA LYS A 306 17.55 7.64 -35.88
C LYS A 306 16.82 8.54 -36.87
N ILE A 307 17.28 9.79 -36.97
CA ILE A 307 16.63 10.77 -37.84
C ILE A 307 17.16 10.60 -39.26
N LEU A 308 16.30 10.89 -40.24
CA LEU A 308 16.64 10.82 -41.65
C LEU A 308 16.77 12.21 -42.22
N ASP A 309 17.71 12.38 -43.16
CA ASP A 309 18.05 13.70 -43.68
C ASP A 309 17.08 14.11 -44.78
N GLU A 310 16.74 15.40 -44.80
CA GLU A 310 15.94 16.00 -45.85
C GLU A 310 16.70 17.16 -46.47
N ASN A 311 16.43 17.42 -47.74
CA ASN A 311 17.11 18.50 -48.47
C ASN A 311 16.44 19.82 -48.09
N ASP A 312 16.93 20.42 -47.00
CA ASP A 312 16.36 21.68 -46.50
C ASP A 312 17.38 22.80 -46.36
N CYS A 313 18.64 22.57 -46.71
CA CYS A 313 19.68 23.60 -46.65
C CYS A 313 20.08 23.99 -48.07
N VAL A 314 20.01 25.28 -48.35
CA VAL A 314 20.41 25.81 -49.66
C VAL A 314 21.92 25.75 -49.79
N PRO A 315 22.48 25.31 -50.92
CA PRO A 315 23.93 25.40 -51.10
C PRO A 315 24.39 26.85 -51.18
N GLU A 316 25.54 27.13 -50.56
CA GLU A 316 26.11 28.46 -50.52
C GLU A 316 27.38 28.50 -51.35
N VAL A 317 27.52 29.55 -52.15
CA VAL A 317 28.70 29.78 -52.98
C VAL A 317 29.57 30.81 -52.28
N ILE A 318 30.72 30.38 -51.79
CA ILE A 318 31.68 31.24 -51.13
C ILE A 318 32.79 31.56 -52.12
N VAL A 319 33.07 32.86 -52.29
CA VAL A 319 34.09 33.34 -53.21
C VAL A 319 35.21 33.98 -52.38
N THR A 320 36.41 33.41 -52.45
CA THR A 320 37.47 33.78 -51.51
C THR A 320 38.54 34.68 -52.11
N SER A 321 38.56 34.87 -53.43
CA SER A 321 39.52 35.75 -54.07
C SER A 321 38.99 36.12 -55.44
N VAL A 322 39.30 37.34 -55.89
CA VAL A 322 38.82 37.83 -57.17
C VAL A 322 39.89 38.73 -57.78
N PHE A 323 39.98 38.70 -59.11
CA PHE A 323 40.99 39.46 -59.87
C PHE A 323 40.30 40.69 -60.45
N THR A 324 40.54 41.85 -59.83
CA THR A 324 39.94 43.10 -60.31
C THR A 324 40.77 44.30 -59.85
N PRO A 325 41.08 45.22 -60.78
CA PRO A 325 40.75 45.14 -62.21
C PRO A 325 41.64 44.15 -62.97
N LEU A 326 41.12 43.64 -64.09
CA LEU A 326 41.79 42.61 -64.86
C LEU A 326 42.44 43.23 -66.08
N PRO A 327 43.75 43.08 -66.28
CA PRO A 327 44.38 43.64 -67.47
C PRO A 327 43.92 42.91 -68.73
N GLU A 328 43.68 43.68 -69.78
CA GLU A 328 43.05 43.13 -70.98
C GLU A 328 43.96 42.16 -71.72
N ASP A 329 45.28 42.30 -71.57
CA ASP A 329 46.23 41.40 -72.23
C ASP A 329 46.49 40.13 -71.40
N SER A 330 45.62 39.82 -70.45
CA SER A 330 45.81 38.65 -69.61
C SER A 330 45.82 37.40 -70.47
N PRO A 331 46.83 36.53 -70.35
CA PRO A 331 46.90 35.35 -71.20
C PRO A 331 45.74 34.40 -70.96
N LEU A 332 45.61 33.42 -71.85
CA LEU A 332 44.61 32.38 -71.68
C LEU A 332 44.91 31.58 -70.41
N GLY A 333 43.86 31.26 -69.67
CA GLY A 333 43.98 30.39 -68.53
C GLY A 333 44.35 31.03 -67.22
N THR A 334 44.47 32.37 -67.17
CA THR A 334 44.72 33.03 -65.90
C THR A 334 43.54 32.81 -64.97
N VAL A 335 43.83 32.66 -63.68
CA VAL A 335 42.81 32.41 -62.68
C VAL A 335 42.31 33.75 -62.15
N ILE A 336 41.01 33.98 -62.31
CA ILE A 336 40.38 35.24 -61.91
C ILE A 336 39.86 35.18 -60.48
N ALA A 337 39.19 34.09 -60.11
CA ALA A 337 38.53 34.01 -58.82
C ALA A 337 38.63 32.61 -58.25
N LEU A 338 38.51 32.53 -56.92
CA LEU A 338 38.51 31.27 -56.19
C LEU A 338 37.12 31.00 -55.64
N ILE A 339 36.59 29.81 -55.92
CA ILE A 339 35.22 29.44 -55.61
C ILE A 339 35.20 28.16 -54.78
N LYS A 340 34.40 28.16 -53.72
CA LYS A 340 34.09 26.96 -52.95
C LYS A 340 32.58 26.91 -52.73
N THR A 341 32.07 25.71 -52.52
CA THR A 341 30.65 25.53 -52.25
C THR A 341 30.46 24.75 -50.96
N ARG A 342 29.50 25.19 -50.16
CA ARG A 342 29.21 24.58 -48.86
C ARG A 342 27.72 24.31 -48.76
N ASP A 343 27.37 23.04 -48.55
CA ASP A 343 25.98 22.62 -48.34
C ASP A 343 25.92 21.82 -47.05
N ARG A 344 25.26 22.36 -46.03
CA ARG A 344 25.21 21.74 -44.72
C ARG A 344 24.49 20.40 -44.72
N ASP A 345 23.81 20.03 -45.81
CA ASP A 345 23.09 18.77 -45.89
C ASP A 345 24.08 17.61 -45.97
N SER A 346 23.56 16.40 -46.18
CA SER A 346 24.36 15.20 -46.30
C SER A 346 23.85 14.36 -47.46
N GLY A 347 24.71 13.48 -47.96
CA GLY A 347 24.34 12.62 -49.06
C GLY A 347 24.25 13.38 -50.38
N GLU A 348 23.31 12.96 -51.23
CA GLU A 348 23.09 13.66 -52.49
C GLU A 348 22.47 15.02 -52.29
N ASN A 349 21.84 15.28 -51.14
CA ASN A 349 21.28 16.59 -50.86
C ASN A 349 22.36 17.64 -50.62
N GLY A 350 23.59 17.21 -50.33
CA GLY A 350 24.71 18.12 -50.13
C GLY A 350 25.69 18.10 -51.27
N ASP A 351 25.58 17.09 -52.13
CA ASP A 351 26.37 17.03 -53.36
C ASP A 351 25.92 18.16 -54.28
N VAL A 352 26.88 18.95 -54.78
CA VAL A 352 26.58 20.14 -55.56
C VAL A 352 27.39 20.12 -56.84
N TYR A 353 26.77 20.55 -57.94
CA TYR A 353 27.46 20.85 -59.18
C TYR A 353 27.41 22.36 -59.42
N CYS A 354 28.49 22.89 -59.98
CA CYS A 354 28.63 24.32 -60.24
C CYS A 354 28.77 24.57 -61.74
N HIS A 355 28.00 25.54 -62.24
CA HIS A 355 28.05 25.94 -63.63
C HIS A 355 28.15 27.45 -63.71
N VAL A 356 28.66 27.94 -64.83
CA VAL A 356 28.73 29.37 -65.11
C VAL A 356 27.78 29.65 -66.26
N LEU A 357 26.85 30.58 -66.05
CA LEU A 357 25.82 30.87 -67.03
C LEU A 357 26.39 31.71 -68.16
N GLY A 358 26.04 31.36 -69.39
CA GLY A 358 26.51 32.08 -70.55
C GLY A 358 27.82 31.56 -71.08
N ASN A 359 28.24 32.16 -72.20
CA ASN A 359 29.49 31.80 -72.85
C ASN A 359 30.23 33.08 -73.25
N GLU A 360 30.55 33.90 -72.26
CA GLU A 360 31.30 35.14 -72.48
C GLU A 360 32.80 34.92 -72.45
N GLY A 361 33.26 33.67 -72.44
CA GLY A 361 34.67 33.38 -72.33
C GLY A 361 35.17 33.06 -70.94
N PHE A 362 34.30 32.63 -70.04
CA PHE A 362 34.66 32.27 -68.67
C PHE A 362 34.15 30.88 -68.37
N VAL A 363 35.02 30.02 -67.84
CA VAL A 363 34.67 28.64 -67.54
C VAL A 363 35.15 28.33 -66.12
N LEU A 364 34.53 27.31 -65.51
CA LEU A 364 34.94 26.79 -64.22
C LEU A 364 35.73 25.50 -64.39
N LYS A 365 36.87 25.41 -63.73
CA LYS A 365 37.70 24.21 -63.72
C LYS A 365 37.86 23.74 -62.28
N SER A 366 37.64 22.44 -62.04
CA SER A 366 37.59 21.89 -60.70
C SER A 366 38.88 21.14 -60.40
N SER A 367 39.62 21.60 -59.38
CA SER A 367 40.79 20.88 -58.91
C SER A 367 40.42 19.72 -58.01
N SER A 368 39.37 19.87 -57.21
CA SER A 368 38.88 18.82 -56.33
C SER A 368 37.46 19.14 -55.92
N LYS A 369 36.83 18.19 -55.23
CA LYS A 369 35.42 18.30 -54.90
C LYS A 369 35.15 19.54 -54.06
N ASN A 370 34.14 20.30 -54.46
CA ASN A 370 33.69 21.56 -53.85
C ASN A 370 34.67 22.71 -54.05
N TYR A 371 35.73 22.53 -54.84
CA TYR A 371 36.72 23.58 -55.07
C TYR A 371 36.81 23.88 -56.56
N TYR A 372 36.67 25.16 -56.92
CA TYR A 372 36.62 25.58 -58.30
C TYR A 372 37.47 26.83 -58.51
N LYS A 373 37.88 27.04 -59.76
CA LYS A 373 38.59 28.23 -60.19
C LYS A 373 37.96 28.79 -61.45
N LEU A 374 37.84 30.11 -61.54
CA LEU A 374 37.20 30.78 -62.67
C LEU A 374 38.28 31.35 -63.59
N VAL A 375 38.55 30.67 -64.69
CA VAL A 375 39.64 31.02 -65.58
C VAL A 375 39.09 31.72 -66.82
N THR A 376 39.99 32.32 -67.60
CA THR A 376 39.62 32.90 -68.89
C THR A 376 39.70 31.83 -69.98
N ASP A 377 38.73 31.86 -70.88
CA ASP A 377 38.68 30.92 -72.00
C ASP A 377 39.13 31.56 -73.32
N ARG A 378 38.79 32.83 -73.53
CA ARG A 378 39.16 33.55 -74.74
C ARG A 378 39.91 34.82 -74.36
N THR A 379 40.58 35.40 -75.35
CA THR A 379 41.27 36.66 -75.15
C THR A 379 40.27 37.78 -74.89
N LEU A 380 40.76 38.87 -74.32
CA LEU A 380 39.90 39.96 -73.88
C LEU A 380 40.25 41.25 -74.62
N ASP A 381 39.43 42.28 -74.37
CA ASP A 381 39.65 43.62 -74.92
C ASP A 381 38.81 44.64 -74.16
N ARG A 382 39.41 45.76 -73.77
CA ARG A 382 38.68 46.74 -72.96
C ARG A 382 37.81 47.65 -73.84
N GLU A 383 38.34 48.10 -74.97
CA GLU A 383 37.52 48.90 -75.89
C GLU A 383 36.35 48.12 -76.45
N ALA A 384 36.47 46.78 -76.51
CA ALA A 384 35.34 45.93 -76.91
C ALA A 384 34.36 45.77 -75.76
N ILE A 385 34.75 45.04 -74.72
CA ILE A 385 33.92 44.87 -73.53
C ILE A 385 34.70 45.33 -72.31
N PRO A 386 34.37 46.48 -71.73
CA PRO A 386 35.13 46.97 -70.56
C PRO A 386 34.74 46.26 -69.27
N GLU A 387 33.50 45.81 -69.16
CA GLU A 387 32.98 45.30 -67.89
C GLU A 387 32.13 44.06 -68.14
N TYR A 388 32.23 43.09 -67.24
CA TYR A 388 31.50 41.83 -67.32
C TYR A 388 30.71 41.59 -66.04
N ASN A 389 29.51 41.03 -66.19
CA ASN A 389 28.67 40.58 -65.08
C ASN A 389 28.56 39.06 -65.19
N VAL A 390 29.38 38.36 -64.42
CA VAL A 390 29.50 36.90 -64.52
C VAL A 390 28.61 36.26 -63.46
N THR A 391 27.68 35.41 -63.88
CA THR A 391 26.80 34.69 -62.97
C THR A 391 27.24 33.24 -62.83
N ILE A 392 27.41 32.79 -61.59
CA ILE A 392 27.73 31.40 -61.29
C ILE A 392 26.57 30.81 -60.49
N VAL A 393 26.10 29.64 -60.93
CA VAL A 393 24.99 28.95 -60.30
C VAL A 393 25.49 27.64 -59.72
N ALA A 394 25.14 27.38 -58.47
CA ALA A 394 25.38 26.09 -57.83
C ALA A 394 24.03 25.42 -57.56
N ALA A 395 23.97 24.13 -57.82
CA ALA A 395 22.75 23.36 -57.62
C ALA A 395 23.09 22.04 -56.97
N ASP A 396 22.27 21.65 -55.99
CA ASP A 396 22.44 20.37 -55.30
C ASP A 396 21.77 19.26 -56.11
N ARG A 397 21.69 18.06 -55.53
CA ARG A 397 21.08 16.92 -56.19
C ARG A 397 19.85 16.40 -55.46
N GLY A 398 19.34 17.15 -54.49
CA GLY A 398 18.14 16.75 -53.79
C GLY A 398 16.91 16.82 -54.69
N LYS A 399 15.83 16.25 -54.20
CA LYS A 399 14.57 16.23 -54.94
C LYS A 399 13.45 16.85 -54.11
N PRO A 400 13.01 18.06 -54.49
CA PRO A 400 13.54 18.85 -55.61
C PRO A 400 14.84 19.59 -55.25
N PRO A 401 15.65 19.93 -56.25
CA PRO A 401 16.91 20.59 -55.96
C PRO A 401 16.72 22.04 -55.53
N LEU A 402 17.67 22.53 -54.75
CA LEU A 402 17.73 23.92 -54.33
C LEU A 402 18.98 24.56 -54.91
N SER A 403 18.83 25.76 -55.45
CA SER A 403 19.88 26.41 -56.21
C SER A 403 20.29 27.71 -55.53
N SER A 404 21.44 28.24 -55.96
CA SER A 404 21.87 29.57 -55.52
C SER A 404 22.80 30.14 -56.58
N ASN A 405 22.68 31.44 -56.83
CA ASN A 405 23.50 32.10 -57.84
C ASN A 405 24.20 33.31 -57.23
N VAL A 406 25.35 33.64 -57.81
CA VAL A 406 26.12 34.82 -57.41
C VAL A 406 26.56 35.55 -58.66
N ILE A 407 26.73 36.86 -58.53
CA ILE A 407 27.12 37.72 -59.65
C ILE A 407 28.43 38.43 -59.28
N ILE A 408 29.49 38.10 -60.00
CA ILE A 408 30.80 38.72 -59.86
C ILE A 408 30.91 39.80 -60.92
N THR A 409 31.38 40.98 -60.52
CA THR A 409 31.52 42.13 -61.42
C THR A 409 33.00 42.31 -61.74
N LEU A 410 33.36 42.05 -63.00
CA LEU A 410 34.74 42.14 -63.45
C LEU A 410 34.94 43.42 -64.25
N HIS A 411 35.89 44.25 -63.83
CA HIS A 411 36.29 45.43 -64.58
C HIS A 411 37.62 45.16 -65.28
N ILE A 412 37.71 45.56 -66.55
CA ILE A 412 38.90 45.31 -67.35
C ILE A 412 39.73 46.58 -67.38
N SER A 413 40.99 46.47 -66.98
CA SER A 413 41.91 47.60 -66.91
C SER A 413 42.65 47.79 -68.22
N ASP A 414 42.92 49.05 -68.54
CA ASP A 414 43.44 49.42 -69.85
C ASP A 414 44.92 49.08 -69.97
N VAL A 415 45.27 48.44 -71.08
CA VAL A 415 46.66 48.22 -71.46
C VAL A 415 46.92 49.02 -72.74
N ASN A 416 48.11 49.61 -72.85
CA ASN A 416 48.42 50.40 -74.03
C ASN A 416 48.68 49.50 -75.23
N ASP A 417 47.61 49.13 -75.95
CA ASP A 417 47.71 48.27 -77.12
C ASP A 417 47.12 48.91 -78.37
N ASN A 418 46.84 50.21 -78.35
CA ASN A 418 46.35 50.93 -79.51
C ASN A 418 47.27 52.10 -79.80
N ALA A 419 47.72 52.20 -81.04
CA ALA A 419 48.56 53.33 -81.42
C ALA A 419 47.68 54.51 -81.83
N PRO A 420 48.16 55.74 -81.65
CA PRO A 420 47.40 56.91 -82.12
C PRO A 420 47.30 56.90 -83.63
N VAL A 421 46.12 57.28 -84.12
CA VAL A 421 45.81 57.27 -85.55
C VAL A 421 45.45 58.68 -85.98
N PHE A 422 46.12 59.16 -87.02
CA PHE A 422 45.90 60.53 -87.48
C PHE A 422 44.56 60.65 -88.20
N HIS A 423 43.91 61.81 -88.03
CA HIS A 423 42.60 62.02 -88.63
C HIS A 423 42.68 61.97 -90.15
N GLN A 424 43.71 62.57 -90.73
CA GLN A 424 43.93 62.57 -92.18
C GLN A 424 45.17 61.74 -92.51
N ALA A 425 45.15 61.14 -93.70
CA ALA A 425 46.30 60.35 -94.14
C ALA A 425 47.48 61.24 -94.48
N SER A 426 47.22 62.45 -94.97
CA SER A 426 48.26 63.43 -95.25
C SER A 426 47.70 64.81 -94.94
N TYR A 427 48.59 65.81 -94.95
CA TYR A 427 48.19 67.19 -94.69
C TYR A 427 48.75 68.10 -95.76
N LEU A 428 47.99 69.14 -96.07
CA LEU A 428 48.36 70.13 -97.08
C LEU A 428 47.74 71.45 -96.70
N VAL A 429 48.56 72.48 -96.52
CA VAL A 429 48.08 73.78 -96.05
C VAL A 429 48.57 74.89 -96.97
N HIS A 430 47.73 75.90 -97.14
CA HIS A 430 48.02 77.06 -97.98
C HIS A 430 48.27 78.26 -97.09
N VAL A 431 49.51 78.76 -97.11
CA VAL A 431 49.89 79.97 -96.40
C VAL A 431 50.31 81.00 -97.43
N ALA A 432 49.77 82.20 -97.33
CA ALA A 432 50.09 83.27 -98.26
C ALA A 432 51.36 83.99 -97.81
N GLU A 433 52.11 84.49 -98.79
CA GLU A 433 53.35 85.21 -98.53
C GLU A 433 53.11 86.40 -97.62
N ASN A 434 54.17 86.83 -96.94
CA ASN A 434 54.13 87.97 -96.02
C ASN A 434 53.12 87.75 -94.90
N ASN A 435 53.07 86.51 -94.40
CA ASN A 435 52.19 86.14 -93.31
C ASN A 435 52.77 86.61 -91.98
N PRO A 436 51.92 86.79 -90.97
CA PRO A 436 52.40 87.24 -89.65
C PRO A 436 53.09 86.10 -88.93
N PRO A 437 54.27 86.35 -88.34
CA PRO A 437 54.92 85.31 -87.55
C PRO A 437 54.14 84.99 -86.28
N GLY A 438 54.11 83.70 -85.94
CA GLY A 438 53.47 83.25 -84.72
C GLY A 438 51.96 83.19 -84.81
N THR A 439 51.44 82.51 -85.82
CA THR A 439 50.00 82.40 -86.02
C THR A 439 49.63 80.96 -86.37
N SER A 440 48.34 80.67 -86.28
CA SER A 440 47.81 79.33 -86.54
C SER A 440 47.68 79.14 -88.05
N ILE A 441 48.58 78.33 -88.62
CA ILE A 441 48.50 77.99 -90.04
C ILE A 441 47.87 76.62 -90.28
N ALA A 442 47.80 75.76 -89.27
CA ALA A 442 47.26 74.41 -89.43
C ALA A 442 47.00 73.83 -88.04
N GLN A 443 46.39 72.66 -88.02
CA GLN A 443 46.17 71.93 -86.77
C GLN A 443 46.01 70.45 -87.11
N VAL A 444 47.01 69.65 -86.79
CA VAL A 444 46.85 68.21 -86.89
C VAL A 444 46.07 67.71 -85.66
N SER A 445 45.48 66.53 -85.81
CA SER A 445 44.71 65.94 -84.73
C SER A 445 44.78 64.42 -84.85
N ALA A 446 44.91 63.75 -83.71
CA ALA A 446 44.90 62.30 -83.64
C ALA A 446 43.84 61.86 -82.64
N SER A 447 43.65 60.54 -82.56
CA SER A 447 42.69 59.96 -81.63
C SER A 447 43.29 58.71 -81.02
N ASP A 448 43.00 58.48 -79.75
CA ASP A 448 43.51 57.31 -79.04
C ASP A 448 42.37 56.70 -78.22
N PRO A 449 41.99 55.45 -78.48
CA PRO A 449 40.90 54.84 -77.71
C PRO A 449 41.29 54.43 -76.31
N ASP A 450 42.59 54.41 -75.99
CA ASP A 450 43.04 53.99 -74.68
C ASP A 450 42.66 55.02 -73.63
N LEU A 451 42.81 54.62 -72.37
CA LEU A 451 42.41 55.43 -71.23
C LEU A 451 43.61 56.10 -70.58
N GLY A 452 43.39 57.33 -70.11
CA GLY A 452 44.39 57.99 -69.28
C GLY A 452 45.65 58.31 -70.05
N SER A 453 46.80 58.01 -69.42
CA SER A 453 48.09 58.31 -70.04
C SER A 453 48.26 57.57 -71.36
N ASN A 454 47.83 56.30 -71.42
CA ASN A 454 47.90 55.55 -72.66
C ASN A 454 47.08 56.16 -73.78
N GLY A 455 46.25 57.16 -73.48
CA GLY A 455 45.46 57.83 -74.49
C GLY A 455 45.76 59.31 -74.62
N LEU A 456 46.72 59.80 -73.84
CA LEU A 456 47.13 61.20 -73.95
C LEU A 456 48.10 61.35 -75.11
N ILE A 457 47.85 62.36 -75.96
CA ILE A 457 48.55 62.51 -77.22
C ILE A 457 49.45 63.74 -77.16
N SER A 458 50.71 63.56 -77.53
CA SER A 458 51.67 64.65 -77.73
C SER A 458 52.13 64.63 -79.18
N TYR A 459 52.25 65.81 -79.78
CA TYR A 459 52.61 65.97 -81.18
C TYR A 459 53.98 66.62 -81.29
N SER A 460 54.80 66.15 -82.22
CA SER A 460 56.12 66.74 -82.40
C SER A 460 56.56 66.62 -83.86
N ILE A 461 57.43 67.54 -84.29
CA ILE A 461 58.01 67.51 -85.63
C ILE A 461 59.32 66.75 -85.55
N ILE A 462 59.41 65.61 -86.23
CA ILE A 462 60.58 64.75 -86.12
C ILE A 462 61.55 64.98 -87.27
N ALA A 463 61.04 65.38 -88.43
CA ALA A 463 61.92 65.54 -89.58
C ALA A 463 61.33 66.53 -90.58
N SER A 464 62.21 67.17 -91.33
CA SER A 464 61.83 68.10 -92.39
C SER A 464 63.02 68.26 -93.33
N ASP A 465 62.72 68.68 -94.56
CA ASP A 465 63.75 68.82 -95.58
C ASP A 465 64.60 70.07 -95.41
N LEU A 466 64.16 71.03 -94.60
CA LEU A 466 64.90 72.26 -94.41
C LEU A 466 66.21 72.00 -93.66
N GLU A 467 67.06 73.01 -93.60
CA GLU A 467 68.30 72.92 -92.85
C GLU A 467 68.00 72.66 -91.38
N PRO A 468 68.52 71.58 -90.79
CA PRO A 468 68.09 71.21 -89.43
C PRO A 468 68.31 72.29 -88.39
N ARG A 469 69.36 73.11 -88.54
CA ARG A 469 69.57 74.21 -87.63
C ARG A 469 68.59 75.36 -87.85
N ALA A 470 67.80 75.31 -88.92
CA ALA A 470 66.83 76.35 -89.23
C ALA A 470 65.39 75.88 -89.15
N LEU A 471 65.16 74.59 -88.87
CA LEU A 471 63.80 74.07 -88.81
C LEU A 471 62.96 74.83 -87.79
N SER A 472 63.48 74.97 -86.57
CA SER A 472 62.77 75.71 -85.53
C SER A 472 62.55 77.16 -85.94
N SER A 473 63.39 77.70 -86.82
CA SER A 473 63.22 79.07 -87.27
C SER A 473 62.03 79.22 -88.21
N PHE A 474 61.58 78.13 -88.82
CA PHE A 474 60.47 78.20 -89.79
C PHE A 474 59.13 78.00 -89.08
N VAL A 475 58.84 76.77 -88.67
CA VAL A 475 57.55 76.42 -88.09
C VAL A 475 57.79 75.67 -86.79
N SER A 476 56.71 75.52 -86.02
CA SER A 476 56.71 74.73 -84.80
C SER A 476 55.33 74.11 -84.61
N VAL A 477 55.19 73.30 -83.58
CA VAL A 477 53.92 72.63 -83.30
C VAL A 477 53.71 72.58 -81.79
N ASN A 478 52.49 72.91 -81.36
CA ASN A 478 52.12 72.83 -79.96
C ASN A 478 51.90 71.37 -79.59
N GLN A 479 52.69 70.86 -78.64
CA GLN A 479 52.60 69.45 -78.28
C GLN A 479 51.27 69.08 -77.65
N ASP A 480 50.53 70.06 -77.13
CA ASP A 480 49.30 69.76 -76.39
C ASP A 480 48.06 69.84 -77.27
N SER A 481 48.02 70.77 -78.22
CA SER A 481 46.83 70.98 -79.04
C SER A 481 46.98 70.51 -80.48
N GLY A 482 48.21 70.32 -80.96
CA GLY A 482 48.42 69.94 -82.33
C GLY A 482 48.45 71.09 -83.32
N VAL A 483 48.21 72.32 -82.86
CA VAL A 483 48.22 73.46 -83.76
C VAL A 483 49.64 73.74 -84.23
N VAL A 484 49.79 74.02 -85.52
CA VAL A 484 51.08 74.30 -86.14
C VAL A 484 51.22 75.81 -86.30
N PHE A 485 52.39 76.35 -85.92
CA PHE A 485 52.65 77.78 -85.93
C PHE A 485 53.77 78.11 -86.90
N ALA A 486 53.73 79.32 -87.44
CA ALA A 486 54.78 79.84 -88.31
C ALA A 486 55.63 80.83 -87.53
N GLN A 487 56.93 80.58 -87.46
CA GLN A 487 57.85 81.39 -86.67
C GLN A 487 58.63 82.40 -87.50
N ARG A 488 58.32 82.53 -88.79
CA ARG A 488 58.95 83.54 -89.64
C ARG A 488 58.02 83.84 -90.81
N ALA A 489 58.11 85.06 -91.32
CA ALA A 489 57.28 85.47 -92.45
C ALA A 489 57.75 84.77 -93.72
N PHE A 490 56.87 83.99 -94.32
CA PHE A 490 57.22 83.24 -95.51
C PHE A 490 57.40 84.18 -96.71
N ASP A 491 58.29 83.78 -97.62
CA ASP A 491 58.58 84.55 -98.83
C ASP A 491 58.49 83.61 -100.02
N HIS A 492 57.55 83.89 -100.93
CA HIS A 492 57.31 82.98 -102.04
C HIS A 492 58.49 82.96 -103.02
N GLU A 493 59.10 84.12 -103.27
CA GLU A 493 60.18 84.20 -104.24
C GLU A 493 61.42 83.40 -103.82
N GLN A 494 61.52 83.03 -102.54
CA GLN A 494 62.64 82.24 -102.03
C GLN A 494 62.32 80.75 -101.93
N LEU A 495 61.18 80.40 -101.34
CA LEU A 495 60.76 79.01 -101.25
C LEU A 495 59.23 78.95 -101.27
N ARG A 496 58.69 78.11 -102.13
CA ARG A 496 57.23 78.03 -102.31
C ARG A 496 56.59 76.98 -101.41
N SER A 497 57.29 75.88 -101.15
CA SER A 497 56.71 74.76 -100.40
C SER A 497 57.80 74.12 -99.55
N PHE A 498 57.39 73.55 -98.42
CA PHE A 498 58.32 72.73 -97.66
C PHE A 498 57.57 71.56 -97.04
N GLN A 499 58.34 70.51 -96.77
CA GLN A 499 57.85 69.23 -96.28
C GLN A 499 58.04 69.14 -94.77
N LEU A 500 57.09 68.51 -94.11
CA LEU A 500 57.11 68.32 -92.66
C LEU A 500 56.67 66.91 -92.34
N THR A 501 57.26 66.33 -91.31
CA THR A 501 56.88 65.02 -90.80
C THR A 501 56.44 65.20 -89.35
N LEU A 502 55.13 65.18 -89.13
CA LEU A 502 54.59 65.32 -87.78
C LEU A 502 54.31 63.95 -87.19
N GLN A 503 54.46 63.84 -85.87
CA GLN A 503 54.40 62.58 -85.17
C GLN A 503 53.43 62.68 -84.00
N ALA A 504 52.56 61.68 -83.88
CA ALA A 504 51.66 61.53 -82.75
C ALA A 504 52.19 60.43 -81.84
N ARG A 505 52.31 60.74 -80.54
CA ARG A 505 52.87 59.85 -79.54
C ARG A 505 51.96 59.79 -78.33
N ASP A 506 51.85 58.61 -77.72
CA ASP A 506 51.12 58.46 -76.47
C ASP A 506 52.09 58.35 -75.30
N HIS A 507 51.55 58.14 -74.12
CA HIS A 507 52.32 58.07 -72.88
C HIS A 507 52.07 56.72 -72.22
N GLY A 508 52.58 55.66 -72.84
CA GLY A 508 52.38 54.31 -72.36
C GLY A 508 53.69 53.54 -72.24
N SER A 509 53.56 52.32 -71.74
CA SER A 509 54.70 51.42 -71.63
C SER A 509 54.45 50.15 -72.44
N PRO A 510 55.00 50.10 -73.66
CA PRO A 510 55.84 51.17 -74.23
C PRO A 510 55.02 52.21 -74.99
N THR A 511 55.67 53.27 -75.48
CA THR A 511 54.98 54.31 -76.21
C THR A 511 54.72 53.90 -77.65
N LEU A 512 53.57 54.29 -78.18
CA LEU A 512 53.16 54.00 -79.54
C LEU A 512 53.07 55.30 -80.33
N SER A 513 53.45 55.24 -81.60
CA SER A 513 53.67 56.44 -82.40
C SER A 513 53.02 56.28 -83.78
N ALA A 514 52.88 57.40 -84.48
CA ALA A 514 52.38 57.40 -85.84
C ALA A 514 52.92 58.62 -86.58
N ASN A 515 53.24 58.43 -87.87
CA ASN A 515 53.83 59.48 -88.70
C ASN A 515 52.79 59.99 -89.70
N VAL A 516 52.83 61.30 -89.94
CA VAL A 516 52.04 61.94 -90.99
C VAL A 516 52.93 62.94 -91.71
N SER A 517 52.64 63.16 -92.98
CA SER A 517 53.39 64.10 -93.81
C SER A 517 52.50 65.30 -94.12
N MET A 518 52.97 66.49 -93.77
CA MET A 518 52.28 67.73 -94.03
C MET A 518 53.10 68.58 -95.00
N ARG A 519 52.47 69.07 -96.05
CA ARG A 519 53.12 69.94 -97.02
C ARG A 519 52.57 71.35 -96.90
N VAL A 520 53.47 72.33 -96.85
CA VAL A 520 53.09 73.73 -96.72
C VAL A 520 53.42 74.44 -98.02
N LEU A 521 52.39 75.09 -98.60
CA LEU A 521 52.50 75.79 -99.87
C LEU A 521 52.40 77.29 -99.62
N VAL A 522 53.41 78.04 -100.04
CA VAL A 522 53.45 79.48 -99.85
C VAL A 522 52.84 80.16 -101.06
N GLY A 523 51.73 80.87 -100.86
CA GLY A 523 51.16 81.66 -101.93
C GLY A 523 52.07 82.81 -102.33
N ASP A 524 51.78 83.38 -103.49
CA ASP A 524 52.62 84.44 -104.06
C ASP A 524 51.91 85.78 -104.02
N ARG A 525 52.66 86.82 -103.69
CA ARG A 525 52.20 88.20 -103.78
C ARG A 525 53.35 89.08 -104.25
N ASN A 526 53.34 90.35 -103.84
CA ASN A 526 54.38 91.28 -104.27
C ASN A 526 55.12 91.88 -103.07
N GLN B 2 47.59 17.85 -50.96
CA GLN B 2 47.44 18.00 -49.51
C GLN B 2 48.77 17.83 -48.79
N ILE B 3 49.03 18.68 -47.80
CA ILE B 3 50.24 18.59 -46.98
C ILE B 3 49.85 18.17 -45.57
N ARG B 4 50.38 17.04 -45.11
CA ARG B 4 50.03 16.49 -43.81
C ARG B 4 51.08 16.88 -42.77
N TYR B 5 50.61 17.40 -41.63
CA TYR B 5 51.42 17.72 -40.47
C TYR B 5 50.88 16.97 -39.26
N SER B 6 51.55 17.14 -38.11
CA SER B 6 51.13 16.47 -36.89
C SER B 6 51.72 17.22 -35.70
N ILE B 7 50.86 17.76 -34.85
CA ILE B 7 51.31 18.54 -33.70
C ILE B 7 50.43 18.22 -32.49
N PRO B 8 50.93 18.50 -31.28
CA PRO B 8 50.11 18.31 -30.09
C PRO B 8 49.11 19.44 -29.88
N GLU B 9 47.98 19.08 -29.28
CA GLU B 9 46.95 20.05 -28.99
C GLU B 9 47.42 21.04 -27.91
N GLU B 10 46.65 22.11 -27.76
CA GLU B 10 46.84 23.08 -26.69
C GLU B 10 48.23 23.71 -26.73
N LEU B 11 48.74 23.93 -27.94
CA LEU B 11 50.01 24.62 -28.10
C LEU B 11 49.81 26.13 -27.93
N ALA B 12 50.87 26.79 -27.48
CA ALA B 12 50.82 28.23 -27.29
C ALA B 12 50.81 28.94 -28.65
N LYS B 13 50.20 30.12 -28.67
CA LYS B 13 50.15 30.92 -29.88
C LYS B 13 51.56 31.27 -30.33
N ASN B 14 51.69 31.56 -31.63
CA ASN B 14 52.94 31.87 -32.31
C ASN B 14 53.89 30.69 -32.39
N SER B 15 53.50 29.52 -31.91
CA SER B 15 54.32 28.33 -32.08
C SER B 15 54.35 27.94 -33.56
N ILE B 16 55.52 27.50 -34.02
CA ILE B 16 55.67 27.15 -35.43
C ILE B 16 55.20 25.72 -35.64
N VAL B 17 54.30 25.54 -36.61
CA VAL B 17 53.86 24.20 -37.01
C VAL B 17 54.76 23.65 -38.10
N GLY B 18 55.18 24.50 -39.02
CA GLY B 18 56.04 24.13 -40.12
C GLY B 18 56.20 25.30 -41.07
N ASN B 19 57.23 25.22 -41.93
CA ASN B 19 57.49 26.26 -42.91
C ASN B 19 56.88 25.79 -44.23
N LEU B 20 55.71 26.37 -44.57
CA LEU B 20 55.04 25.98 -45.81
C LEU B 20 55.66 26.63 -47.04
N ALA B 21 56.37 27.74 -46.87
CA ALA B 21 57.14 28.31 -47.98
C ALA B 21 58.14 27.29 -48.52
N ARG B 22 58.81 26.56 -47.63
CA ARG B 22 59.74 25.52 -48.04
C ARG B 22 59.02 24.29 -48.55
N ASP B 23 57.79 24.03 -48.05
CA ASP B 23 57.08 22.79 -48.34
C ASP B 23 56.16 22.92 -49.56
N LEU B 24 55.52 24.07 -49.74
CA LEU B 24 54.66 24.27 -50.92
C LEU B 24 55.48 24.20 -52.21
N GLY B 25 56.69 24.72 -52.18
CA GLY B 25 57.49 24.89 -53.38
C GLY B 25 57.67 26.33 -53.81
N LEU B 26 57.31 27.30 -52.97
CA LEU B 26 57.40 28.71 -53.31
C LEU B 26 58.82 29.22 -53.08
N SER B 27 59.06 30.44 -53.52
CA SER B 27 60.36 31.09 -53.40
C SER B 27 60.25 32.26 -52.44
N VAL B 28 61.17 32.31 -51.46
CA VAL B 28 61.10 33.31 -50.41
C VAL B 28 61.30 34.72 -50.95
N GLN B 29 61.89 34.86 -52.15
CA GLN B 29 62.03 36.18 -52.74
C GLN B 29 60.67 36.78 -53.11
N ASN B 30 59.73 35.92 -53.55
CA ASN B 30 58.41 36.36 -53.98
C ASN B 30 57.32 36.21 -52.91
N LEU B 31 57.63 35.66 -51.75
CA LEU B 31 56.60 35.52 -50.73
C LEU B 31 55.98 36.84 -50.27
N PRO B 32 56.69 37.98 -50.22
CA PRO B 32 55.98 39.22 -49.89
C PRO B 32 54.92 39.62 -50.91
N THR B 33 55.12 39.35 -52.21
CA THR B 33 54.16 39.83 -53.20
C THR B 33 52.87 39.01 -53.17
N ARG B 34 52.98 37.68 -53.15
CA ARG B 34 51.79 36.85 -52.97
C ARG B 34 51.43 36.83 -51.50
N LYS B 35 50.38 37.55 -51.13
CA LYS B 35 49.83 37.42 -49.79
C LYS B 35 49.56 35.95 -49.52
N LEU B 36 50.36 35.33 -48.66
CA LEU B 36 50.02 34.01 -48.14
C LEU B 36 48.99 34.21 -47.05
N ARG B 37 47.82 33.58 -47.20
CA ARG B 37 46.81 33.74 -46.16
C ARG B 37 46.10 32.41 -45.95
N VAL B 38 45.46 32.27 -44.79
CA VAL B 38 44.71 31.07 -44.44
C VAL B 38 43.22 31.40 -44.47
N SER B 39 42.48 30.69 -45.33
CA SER B 39 41.03 30.67 -45.29
C SER B 39 40.59 29.34 -44.67
N ALA B 40 39.72 29.43 -43.68
CA ALA B 40 39.21 28.30 -42.92
C ALA B 40 38.04 28.80 -42.09
N GLU B 41 37.26 27.86 -41.56
CA GLU B 41 36.10 28.21 -40.77
C GLU B 41 36.47 29.05 -39.56
N LYS B 42 37.52 28.63 -38.84
CA LYS B 42 37.99 29.33 -37.66
C LYS B 42 39.44 29.75 -37.85
N ASP B 43 39.84 30.81 -37.14
CA ASP B 43 41.20 31.34 -37.26
C ASP B 43 42.14 30.65 -36.26
N TYR B 44 42.29 29.33 -36.45
CA TYR B 44 43.19 28.56 -35.60
C TYR B 44 44.65 28.85 -35.93
N PHE B 45 44.95 29.24 -37.17
CA PHE B 45 46.32 29.40 -37.62
C PHE B 45 46.47 30.73 -38.35
N THR B 46 47.73 31.15 -38.52
CA THR B 46 48.07 32.36 -39.25
C THR B 46 49.49 32.23 -39.78
N VAL B 47 49.67 32.45 -41.07
CA VAL B 47 50.98 32.37 -41.70
C VAL B 47 51.62 33.74 -41.66
N ASN B 48 52.96 33.77 -41.61
CA ASN B 48 53.67 35.04 -41.75
C ASN B 48 54.18 35.19 -43.17
N PRO B 49 53.73 36.20 -43.92
CA PRO B 49 54.13 36.28 -45.34
C PRO B 49 55.63 36.53 -45.53
N GLU B 50 56.30 37.17 -44.57
CA GLU B 50 57.74 37.38 -44.68
C GLU B 50 58.50 36.08 -44.47
N SER B 51 58.24 35.40 -43.35
CA SER B 51 58.93 34.15 -43.06
C SER B 51 58.35 32.98 -43.86
N GLY B 52 57.07 33.04 -44.19
CA GLY B 52 56.44 31.96 -44.94
C GLY B 52 56.18 30.71 -44.13
N ASP B 53 55.86 30.85 -42.86
CA ASP B 53 55.64 29.71 -41.99
C ASP B 53 54.28 29.82 -41.29
N LEU B 54 53.87 28.70 -40.71
CA LEU B 54 52.53 28.51 -40.15
C LEU B 54 52.57 28.63 -38.64
N LEU B 55 51.85 29.61 -38.10
CA LEU B 55 51.78 29.86 -36.67
C LEU B 55 50.43 29.41 -36.12
N VAL B 56 50.45 28.94 -34.88
CA VAL B 56 49.21 28.63 -34.17
C VAL B 56 48.59 29.93 -33.67
N GLY B 57 47.30 30.10 -33.92
CA GLY B 57 46.59 31.28 -33.45
C GLY B 57 45.84 31.02 -32.17
N ASP B 58 44.51 30.95 -32.25
CA ASP B 58 43.70 30.61 -31.09
C ASP B 58 44.08 29.22 -30.57
N ARG B 59 43.77 28.99 -29.30
CA ARG B 59 44.01 27.68 -28.72
C ARG B 59 43.28 26.61 -29.52
N ILE B 60 43.95 25.48 -29.74
CA ILE B 60 43.36 24.39 -30.49
C ILE B 60 43.07 23.23 -29.55
N ASP B 61 41.91 23.27 -28.91
CA ASP B 61 41.48 22.23 -27.98
C ASP B 61 40.88 21.08 -28.78
N ARG B 62 41.57 19.95 -28.79
CA ARG B 62 41.13 18.82 -29.62
C ARG B 62 39.73 18.35 -29.28
N GLU B 63 39.34 18.45 -28.00
CA GLU B 63 38.01 18.02 -27.60
C GLU B 63 36.92 19.02 -27.95
N GLN B 64 37.30 20.25 -28.34
CA GLN B 64 36.35 21.24 -28.80
C GLN B 64 36.08 21.16 -30.30
N VAL B 65 36.88 20.38 -31.03
CA VAL B 65 36.77 20.25 -32.48
C VAL B 65 36.28 18.86 -32.87
N CYS B 66 36.95 17.83 -32.40
CA CYS B 66 36.87 16.48 -32.96
C CYS B 66 35.82 15.63 -32.25
N GLY B 67 35.90 15.55 -30.93
CA GLY B 67 34.94 14.77 -30.16
C GLY B 67 35.27 13.29 -30.13
N LYS B 68 34.35 12.48 -30.66
CA LYS B 68 34.46 11.03 -30.55
C LYS B 68 35.46 10.42 -31.52
N GLN B 69 35.82 11.14 -32.59
CA GLN B 69 36.66 10.56 -33.62
C GLN B 69 38.03 10.18 -33.05
N PRO B 70 38.50 8.95 -33.25
CA PRO B 70 39.79 8.55 -32.66
C PRO B 70 40.96 9.37 -33.15
N GLN B 71 41.11 9.56 -34.46
CA GLN B 71 42.14 10.41 -35.02
C GLN B 71 41.50 11.67 -35.57
N CYS B 72 42.09 12.82 -35.28
CA CYS B 72 41.50 14.11 -35.62
C CYS B 72 42.42 14.90 -36.53
N VAL B 73 41.87 15.36 -37.65
CA VAL B 73 42.58 16.14 -38.65
C VAL B 73 41.84 17.44 -38.90
N LEU B 74 42.58 18.53 -39.05
CA LEU B 74 42.04 19.81 -39.48
C LEU B 74 42.45 20.05 -40.92
N GLU B 75 41.51 20.39 -41.78
CA GLU B 75 41.77 20.66 -43.18
C GLU B 75 41.45 22.12 -43.46
N PHE B 76 42.47 22.88 -43.88
CA PHE B 76 42.26 24.29 -44.17
C PHE B 76 43.05 24.69 -45.41
N ASP B 77 42.73 25.88 -45.93
CA ASP B 77 43.23 26.32 -47.22
C ASP B 77 44.11 27.55 -47.06
N ILE B 78 45.05 27.70 -47.99
CA ILE B 78 45.92 28.86 -48.06
C ILE B 78 45.76 29.50 -49.43
N VAL B 79 45.40 30.78 -49.44
CA VAL B 79 45.23 31.54 -50.66
C VAL B 79 46.50 32.32 -50.96
N ALA B 80 46.90 32.32 -52.23
CA ALA B 80 47.95 33.12 -52.79
C ALA B 80 47.35 34.14 -53.76
N GLU B 81 48.18 35.08 -54.21
CA GLU B 81 47.67 36.23 -54.95
C GLU B 81 48.73 36.71 -55.92
N LYS B 82 48.37 36.78 -57.21
CA LYS B 82 49.26 37.30 -58.25
C LYS B 82 50.64 36.64 -58.24
N PRO B 83 50.75 35.41 -58.77
CA PRO B 83 49.70 34.52 -59.29
C PRO B 83 48.78 34.00 -58.20
N LEU B 84 47.58 33.58 -58.59
CA LEU B 84 46.45 33.41 -57.67
C LEU B 84 46.02 31.95 -57.66
N ASN B 85 46.22 31.28 -56.53
CA ASN B 85 46.04 29.84 -56.41
C ASN B 85 45.53 29.51 -55.01
N ILE B 86 45.46 28.21 -54.69
CA ILE B 86 44.94 27.73 -53.41
C ILE B 86 45.66 26.44 -53.06
N PHE B 87 45.96 26.26 -51.77
CA PHE B 87 46.74 25.12 -51.29
C PHE B 87 46.03 24.44 -50.12
N HIS B 88 46.06 23.10 -50.13
CA HIS B 88 45.31 22.27 -49.20
C HIS B 88 46.24 21.68 -48.15
N VAL B 89 46.00 22.02 -46.88
CA VAL B 89 46.82 21.46 -45.80
C VAL B 89 45.92 20.79 -44.77
N ALA B 90 46.49 19.77 -44.13
CA ALA B 90 45.84 18.99 -43.09
C ALA B 90 46.81 18.85 -41.93
N VAL B 91 46.40 19.33 -40.75
CA VAL B 91 47.18 19.26 -39.53
C VAL B 91 46.55 18.20 -38.63
N ILE B 92 47.34 17.19 -38.26
CA ILE B 92 46.86 16.15 -37.36
C ILE B 92 47.00 16.65 -35.93
N LEU B 93 45.89 16.67 -35.18
CA LEU B 93 45.91 17.00 -33.77
C LEU B 93 46.11 15.72 -32.97
N GLN B 94 47.30 15.56 -32.39
CA GLN B 94 47.55 14.40 -31.55
C GLN B 94 47.13 14.72 -30.11
N ASP B 95 46.54 13.74 -29.44
CA ASP B 95 45.82 13.97 -28.20
C ASP B 95 46.77 14.05 -27.02
N VAL B 96 46.58 15.08 -26.20
CA VAL B 96 47.28 15.24 -24.92
C VAL B 96 46.27 15.00 -23.82
N ASN B 97 46.54 14.02 -22.95
CA ASN B 97 45.63 13.68 -21.87
C ASN B 97 45.54 14.82 -20.86
N ASP B 98 44.58 15.72 -21.05
CA ASP B 98 44.38 16.85 -20.15
C ASP B 98 42.99 16.90 -19.55
N ASN B 99 42.08 16.01 -19.96
CA ASN B 99 40.73 15.96 -19.45
C ASN B 99 40.55 14.70 -18.61
N ALA B 100 39.94 14.86 -17.45
CA ALA B 100 39.71 13.76 -16.52
C ALA B 100 38.26 13.28 -16.60
N PRO B 101 38.02 12.01 -16.26
CA PRO B 101 36.64 11.55 -16.15
C PRO B 101 35.84 12.43 -15.21
N LEU B 102 34.57 12.67 -15.56
CA LEU B 102 33.76 13.59 -14.80
C LEU B 102 32.29 13.22 -14.95
N PHE B 103 31.54 13.36 -13.85
CA PHE B 103 30.12 13.00 -13.81
C PHE B 103 29.26 14.26 -13.86
N LYS B 104 28.06 14.09 -14.42
CA LYS B 104 27.15 15.22 -14.54
C LYS B 104 26.70 15.70 -13.16
N GLN B 105 26.51 14.78 -12.22
CA GLN B 105 26.09 15.10 -10.86
C GLN B 105 27.01 14.38 -9.87
N SER B 106 27.47 15.11 -8.86
CA SER B 106 28.36 14.52 -7.87
C SER B 106 27.64 13.49 -7.00
N GLU B 107 26.36 13.71 -6.73
CA GLU B 107 25.56 12.80 -5.92
C GLU B 107 24.29 12.45 -6.67
N VAL B 108 24.06 11.15 -6.85
CA VAL B 108 22.84 10.64 -7.47
C VAL B 108 22.05 9.87 -6.41
N ASP B 109 20.73 10.08 -6.40
CA ASP B 109 19.85 9.49 -5.39
C ASP B 109 18.87 8.55 -6.08
N LEU B 110 18.97 7.26 -5.76
CA LEU B 110 18.12 6.23 -6.32
C LEU B 110 17.13 5.75 -5.27
N ASN B 111 15.96 5.32 -5.73
CA ASN B 111 14.95 4.68 -4.89
C ASN B 111 14.74 3.26 -5.39
N ILE B 112 15.19 2.29 -4.60
CA ILE B 112 15.06 0.88 -4.92
C ILE B 112 14.06 0.25 -3.96
N GLY B 113 13.09 -0.47 -4.51
CA GLY B 113 12.12 -1.14 -3.67
C GLY B 113 12.75 -2.22 -2.81
N GLU B 114 12.10 -2.50 -1.69
CA GLU B 114 12.64 -3.46 -0.73
C GLU B 114 12.73 -4.86 -1.30
N SER B 115 11.96 -5.17 -2.34
CA SER B 115 11.84 -6.54 -2.83
C SER B 115 12.30 -6.69 -4.29
N THR B 116 13.27 -5.88 -4.72
CA THR B 116 13.90 -6.12 -6.00
C THR B 116 14.68 -7.44 -5.91
N ARG B 117 14.38 -8.37 -6.81
CA ARG B 117 15.04 -9.67 -6.79
C ARG B 117 16.55 -9.47 -7.03
N PRO B 118 17.38 -10.35 -6.45
CA PRO B 118 18.83 -10.21 -6.66
C PRO B 118 19.20 -10.33 -8.13
N GLY B 119 20.29 -9.67 -8.50
CA GLY B 119 20.75 -9.64 -9.87
C GLY B 119 20.12 -8.57 -10.73
N LYS B 120 19.11 -7.87 -10.23
CA LYS B 120 18.48 -6.79 -10.99
C LYS B 120 19.51 -5.73 -11.34
N ALA B 121 19.57 -5.38 -12.62
CA ALA B 121 20.53 -4.40 -13.10
C ALA B 121 19.91 -3.01 -13.10
N PHE B 122 20.67 -2.04 -12.62
CA PHE B 122 20.23 -0.63 -12.61
C PHE B 122 21.20 0.21 -13.42
N PRO B 123 20.79 0.72 -14.58
CA PRO B 123 21.72 1.48 -15.42
C PRO B 123 21.93 2.90 -14.89
N LEU B 124 23.18 3.28 -14.72
CA LEU B 124 23.55 4.58 -14.18
C LEU B 124 24.04 5.51 -15.28
N ASP B 125 24.06 6.80 -14.97
CA ASP B 125 24.59 7.78 -15.90
C ASP B 125 26.10 7.57 -16.06
N PRO B 126 26.60 7.49 -17.29
CA PRO B 126 28.04 7.25 -17.48
C PRO B 126 28.86 8.51 -17.26
N ALA B 127 30.17 8.34 -17.31
CA ALA B 127 31.11 9.43 -17.17
C ALA B 127 31.62 9.87 -18.54
N LEU B 128 31.95 11.15 -18.65
CA LEU B 128 32.40 11.73 -19.90
C LEU B 128 33.93 11.87 -19.87
N ASP B 129 34.59 11.22 -20.82
CA ASP B 129 36.02 11.40 -21.05
C ASP B 129 36.17 11.91 -22.47
N LEU B 130 36.34 13.22 -22.62
CA LEU B 130 36.40 13.84 -23.93
C LEU B 130 37.63 13.43 -24.73
N ASP B 131 38.64 12.83 -24.08
CA ASP B 131 39.80 12.33 -24.78
C ASP B 131 39.42 11.11 -25.64
N ALA B 132 40.38 10.61 -26.40
CA ALA B 132 40.18 9.44 -27.24
C ALA B 132 41.33 8.47 -27.05
N GLY B 133 41.14 7.24 -27.53
CA GLY B 133 42.17 6.22 -27.43
C GLY B 133 42.26 5.59 -26.06
N SER B 134 43.48 5.30 -25.60
CA SER B 134 43.64 4.76 -24.25
C SER B 134 43.38 5.82 -23.20
N ASN B 135 43.61 7.10 -23.53
CA ASN B 135 43.32 8.19 -22.62
C ASN B 135 41.82 8.39 -22.38
N SER B 136 40.97 7.66 -23.11
CA SER B 136 39.54 7.66 -22.84
C SER B 136 39.23 6.71 -21.68
N LEU B 137 37.99 6.77 -21.21
CA LEU B 137 37.59 6.00 -20.04
C LEU B 137 37.78 4.51 -20.29
N GLN B 138 38.24 3.78 -19.25
CA GLN B 138 38.58 2.38 -19.44
C GLN B 138 38.01 1.44 -18.38
N LYS B 139 37.78 1.91 -17.16
CA LYS B 139 37.20 1.00 -16.17
C LYS B 139 36.48 1.77 -15.07
N TYR B 140 35.50 1.10 -14.48
CA TYR B 140 34.73 1.61 -13.34
C TYR B 140 35.02 0.77 -12.10
N TYR B 141 35.06 1.44 -10.94
CA TYR B 141 35.25 0.79 -9.66
C TYR B 141 34.23 1.30 -8.66
N LEU B 142 34.02 0.53 -7.59
CA LEU B 142 32.99 0.85 -6.61
C LEU B 142 33.46 0.39 -5.23
N THR B 143 32.92 1.04 -4.20
CA THR B 143 33.20 0.64 -2.83
C THR B 143 32.81 -0.81 -2.61
N ASP B 144 33.70 -1.57 -1.97
CA ASP B 144 33.42 -2.97 -1.68
C ASP B 144 32.40 -3.05 -0.55
N ASN B 145 31.20 -3.56 -0.87
CA ASN B 145 30.19 -3.84 0.13
C ASN B 145 29.57 -5.21 -0.17
N GLU B 146 28.66 -5.63 0.70
CA GLU B 146 28.02 -6.93 0.59
C GLU B 146 26.78 -6.90 -0.29
N TYR B 147 26.31 -5.72 -0.69
CA TYR B 147 25.03 -5.59 -1.38
C TYR B 147 25.13 -5.34 -2.87
N PHE B 148 26.12 -4.58 -3.33
CA PHE B 148 26.11 -4.11 -4.72
C PHE B 148 27.47 -4.31 -5.39
N GLU B 149 27.42 -4.75 -6.65
CA GLU B 149 28.58 -4.83 -7.52
C GLU B 149 28.36 -3.91 -8.72
N VAL B 150 29.45 -3.55 -9.38
CA VAL B 150 29.42 -2.61 -10.49
C VAL B 150 29.88 -3.32 -11.76
N THR B 151 29.17 -3.07 -12.86
CA THR B 151 29.56 -3.60 -14.16
C THR B 151 29.45 -2.51 -15.21
N GLU B 152 30.11 -2.74 -16.34
CA GLU B 152 29.97 -1.89 -17.52
C GLU B 152 29.44 -2.74 -18.65
N LYS B 153 28.26 -2.39 -19.15
CA LYS B 153 27.63 -3.13 -20.24
C LYS B 153 27.76 -2.37 -21.55
N GLU B 154 28.00 -3.11 -22.62
CA GLU B 154 28.07 -2.56 -23.98
C GLU B 154 26.87 -3.10 -24.76
N THR B 155 25.95 -2.19 -25.09
CA THR B 155 24.90 -2.51 -26.05
C THR B 155 25.55 -2.84 -27.39
N PRO B 156 24.96 -3.75 -28.19
CA PRO B 156 25.51 -4.01 -29.52
C PRO B 156 25.76 -2.76 -30.34
N ASP B 157 24.97 -1.71 -30.11
CA ASP B 157 25.23 -0.41 -30.75
C ASP B 157 26.63 0.11 -30.45
N GLY B 158 27.17 -0.23 -29.28
CA GLY B 158 28.48 0.23 -28.87
C GLY B 158 28.44 1.27 -27.77
N ARG B 159 27.26 1.77 -27.42
CA ARG B 159 27.14 2.67 -26.28
C ARG B 159 27.44 1.87 -25.00
N LYS B 160 28.32 2.41 -24.17
CA LYS B 160 28.74 1.75 -22.94
C LYS B 160 28.13 2.49 -21.76
N TYR B 161 27.55 1.74 -20.83
CA TYR B 161 26.97 2.36 -19.65
C TYR B 161 27.26 1.51 -18.41
N PRO B 162 27.46 2.14 -17.26
CA PRO B 162 27.67 1.36 -16.03
C PRO B 162 26.35 1.00 -15.36
N GLU B 163 26.16 -0.28 -15.05
CA GLU B 163 24.97 -0.73 -14.36
C GLU B 163 25.34 -1.44 -13.06
N LEU B 164 24.54 -1.20 -12.03
CA LEU B 164 24.69 -1.85 -10.74
C LEU B 164 23.99 -3.21 -10.75
N ILE B 165 24.58 -4.16 -10.03
CA ILE B 165 23.98 -5.48 -9.87
C ILE B 165 23.84 -5.74 -8.37
N LEU B 166 22.67 -6.28 -8.00
CA LEU B 166 22.32 -6.53 -6.60
C LEU B 166 22.56 -8.00 -6.27
N LYS B 167 23.17 -8.25 -5.11
CA LYS B 167 23.55 -9.60 -4.71
C LYS B 167 22.87 -10.12 -3.46
N ARG B 168 22.27 -9.25 -2.64
CA ARG B 168 21.61 -9.68 -1.42
C ARG B 168 20.32 -8.89 -1.23
N PHE B 169 19.26 -9.58 -0.81
CA PHE B 169 17.98 -8.94 -0.58
C PHE B 169 18.13 -7.76 0.38
N LEU B 170 17.54 -6.63 -0.01
CA LEU B 170 17.54 -5.46 0.86
C LEU B 170 16.51 -5.61 1.97
N ASP B 171 16.59 -4.72 2.95
CA ASP B 171 15.68 -4.73 4.09
C ASP B 171 15.77 -3.40 4.83
N ARG B 172 14.76 -2.54 4.68
CA ARG B 172 14.84 -1.23 5.32
C ARG B 172 14.66 -1.32 6.83
N GLU B 173 14.07 -2.40 7.34
CA GLU B 173 14.02 -2.61 8.78
C GLU B 173 15.38 -3.00 9.35
N GLU B 174 16.36 -3.24 8.49
CA GLU B 174 17.75 -3.46 8.91
C GLU B 174 18.67 -2.34 8.46
N HIS B 175 18.51 -1.86 7.23
CA HIS B 175 19.35 -0.77 6.71
C HIS B 175 18.49 0.09 5.80
N ASN B 176 18.16 1.29 6.26
CA ASN B 176 17.22 2.13 5.54
C ASN B 176 17.78 2.62 4.21
N PHE B 177 19.07 2.98 4.19
CA PHE B 177 19.69 3.45 2.95
C PHE B 177 21.18 3.15 2.99
N HIS B 178 21.82 3.29 1.83
CA HIS B 178 23.23 3.00 1.64
C HIS B 178 23.91 4.17 0.95
N GLN B 179 25.20 4.35 1.26
CA GLN B 179 26.03 5.37 0.63
C GLN B 179 27.23 4.68 0.00
N LEU B 180 27.43 4.88 -1.30
CA LEU B 180 28.48 4.21 -2.06
C LEU B 180 29.28 5.22 -2.85
N VAL B 181 30.44 4.79 -3.33
CA VAL B 181 31.38 5.64 -4.07
C VAL B 181 31.73 4.95 -5.38
N LEU B 182 31.44 5.62 -6.49
CA LEU B 182 31.70 5.11 -7.84
C LEU B 182 32.83 5.93 -8.47
N THR B 183 33.87 5.25 -8.94
CA THR B 183 35.03 5.90 -9.54
C THR B 183 35.18 5.45 -10.99
N ALA B 184 35.70 6.36 -11.82
CA ALA B 184 35.95 6.12 -13.23
C ALA B 184 37.41 6.41 -13.52
N VAL B 185 38.05 5.48 -14.24
CA VAL B 185 39.50 5.50 -14.45
C VAL B 185 39.78 5.34 -15.95
N ASP B 186 40.64 6.22 -16.47
CA ASP B 186 41.08 6.16 -17.86
C ASP B 186 42.35 5.31 -17.96
N GLY B 187 43.13 5.47 -19.03
CA GLY B 187 44.25 4.58 -19.25
C GLY B 187 45.57 5.25 -19.57
N GLY B 188 45.72 6.52 -19.19
CA GLY B 188 46.97 7.22 -19.35
C GLY B 188 47.83 7.17 -18.09
N ASP B 189 49.02 7.75 -18.18
CA ASP B 189 49.88 7.90 -17.02
C ASP B 189 50.30 9.36 -16.84
N PRO B 190 49.97 9.95 -15.68
CA PRO B 190 49.23 9.31 -14.59
C PRO B 190 47.73 9.22 -14.86
N PRO B 191 47.11 8.12 -14.44
CA PRO B 191 45.66 7.97 -14.67
C PRO B 191 44.87 8.99 -13.86
N ARG B 192 43.88 9.59 -14.51
CA ARG B 192 43.00 10.55 -13.88
C ARG B 192 41.66 9.89 -13.55
N SER B 193 41.16 10.14 -12.35
CA SER B 193 39.97 9.47 -11.85
C SER B 193 38.86 10.48 -11.64
N GLY B 194 37.61 10.00 -11.70
CA GLY B 194 36.47 10.84 -11.39
C GLY B 194 35.43 10.10 -10.55
N THR B 195 35.02 10.69 -9.43
CA THR B 195 34.16 10.00 -8.49
C THR B 195 32.76 10.60 -8.44
N THR B 196 31.84 9.83 -7.88
CA THR B 196 30.49 10.28 -7.57
C THR B 196 29.99 9.44 -6.41
N GLN B 197 29.06 9.99 -5.64
CA GLN B 197 28.52 9.33 -4.46
C GLN B 197 27.07 8.95 -4.71
N ILE B 198 26.76 7.66 -4.57
CA ILE B 198 25.44 7.11 -4.87
C ILE B 198 24.76 6.80 -3.55
N ARG B 199 23.69 7.54 -3.23
CA ARG B 199 22.91 7.29 -2.04
C ARG B 199 21.63 6.55 -2.44
N ILE B 200 21.60 5.26 -2.16
CA ILE B 200 20.48 4.40 -2.53
C ILE B 200 19.51 4.33 -1.35
N GLN B 201 18.23 4.59 -1.60
CA GLN B 201 17.21 4.64 -0.56
C GLN B 201 16.23 3.49 -0.78
N VAL B 202 16.10 2.63 0.23
CA VAL B 202 15.22 1.47 0.14
C VAL B 202 13.79 1.90 0.45
N THR B 203 12.86 1.51 -0.41
CA THR B 203 11.45 1.87 -0.26
C THR B 203 10.72 0.80 0.53
N ASP B 204 9.74 1.23 1.32
CA ASP B 204 9.03 0.31 2.20
C ASP B 204 8.10 -0.60 1.40
N ILE B 205 8.17 -1.90 1.66
CA ILE B 205 7.29 -2.88 1.06
C ILE B 205 6.65 -3.68 2.18
N ASN B 206 5.33 -3.90 2.07
CA ASN B 206 4.53 -4.52 3.13
C ASN B 206 4.96 -5.98 3.32
N ASP B 207 6.05 -6.17 4.08
CA ASP B 207 6.63 -7.49 4.29
C ASP B 207 6.60 -7.94 5.74
N ASN B 208 6.15 -7.10 6.67
CA ASN B 208 6.09 -7.50 8.06
C ASN B 208 4.67 -7.40 8.61
N PRO B 209 4.22 -8.38 9.39
CA PRO B 209 2.86 -8.34 9.93
C PRO B 209 2.82 -7.57 11.24
N PRO B 210 1.64 -7.08 11.64
CA PRO B 210 1.50 -6.52 12.99
C PRO B 210 1.72 -7.60 14.03
N MET B 211 2.14 -7.19 15.21
CA MET B 211 2.41 -8.12 16.30
C MET B 211 1.99 -7.49 17.62
N PHE B 212 1.64 -8.34 18.56
CA PHE B 212 1.14 -7.91 19.87
C PHE B 212 2.25 -7.95 20.91
N SER B 213 1.99 -7.27 22.03
CA SER B 213 2.91 -7.32 23.16
C SER B 213 3.06 -8.74 23.68
N GLN B 214 1.94 -9.41 23.95
CA GLN B 214 1.95 -10.78 24.44
C GLN B 214 0.72 -11.50 23.89
N ASP B 215 0.81 -12.84 23.85
CA ASP B 215 -0.22 -13.63 23.19
C ASP B 215 -1.50 -13.72 24.02
N VAL B 216 -1.39 -13.72 25.34
CA VAL B 216 -2.56 -13.90 26.21
C VAL B 216 -2.60 -12.78 27.23
N PHE B 217 -3.79 -12.26 27.48
CA PHE B 217 -4.03 -11.26 28.51
C PHE B 217 -5.00 -11.80 29.54
N SER B 218 -4.93 -11.24 30.75
CA SER B 218 -5.79 -11.64 31.86
C SER B 218 -6.40 -10.39 32.48
N VAL B 219 -7.73 -10.34 32.52
CA VAL B 219 -8.46 -9.27 33.18
C VAL B 219 -9.63 -9.87 33.94
N THR B 220 -10.05 -9.19 35.01
CA THR B 220 -11.22 -9.57 35.78
C THR B 220 -12.18 -8.40 35.86
N LEU B 221 -13.47 -8.70 35.78
CA LEU B 221 -14.51 -7.67 35.85
C LEU B 221 -15.54 -8.08 36.88
N ARG B 222 -15.87 -7.16 37.78
CA ARG B 222 -17.00 -7.37 38.68
C ARG B 222 -18.29 -7.40 37.86
N GLU B 223 -19.19 -8.31 38.23
CA GLU B 223 -20.37 -8.54 37.39
C GLU B 223 -21.36 -7.39 37.37
N ASP B 224 -21.16 -6.38 38.22
CA ASP B 224 -22.10 -5.26 38.31
C ASP B 224 -21.61 -4.02 37.55
N VAL B 225 -20.63 -4.17 36.66
CA VAL B 225 -20.11 -3.01 35.93
C VAL B 225 -21.14 -2.56 34.90
N PRO B 226 -21.34 -1.26 34.72
CA PRO B 226 -22.38 -0.77 33.82
C PRO B 226 -22.00 -1.02 32.37
N PRO B 227 -22.94 -0.82 31.43
CA PRO B 227 -22.57 -0.90 30.01
C PRO B 227 -21.76 0.31 29.59
N GLY B 228 -20.71 0.06 28.82
CA GLY B 228 -19.77 1.09 28.42
C GLY B 228 -18.51 1.17 29.27
N PHE B 229 -18.25 0.15 30.09
CA PHE B 229 -17.08 0.16 30.96
C PHE B 229 -15.82 -0.07 30.15
N SER B 230 -14.80 0.77 30.35
CA SER B 230 -13.53 0.60 29.68
C SER B 230 -12.87 -0.70 30.10
N VAL B 231 -13.06 -1.76 29.32
CA VAL B 231 -12.56 -3.08 29.70
C VAL B 231 -11.04 -3.13 29.56
N LEU B 232 -10.55 -2.87 28.35
CA LEU B 232 -9.13 -3.00 28.05
C LEU B 232 -8.84 -2.34 26.72
N GLN B 233 -7.61 -1.85 26.57
CA GLN B 233 -7.12 -1.33 25.29
C GLN B 233 -5.98 -2.21 24.81
N VAL B 234 -6.02 -2.60 23.54
CA VAL B 234 -4.99 -3.44 22.93
C VAL B 234 -4.40 -2.69 21.75
N THR B 235 -3.08 -2.74 21.63
CA THR B 235 -2.38 -2.12 20.52
C THR B 235 -1.37 -3.09 19.93
N ALA B 236 -1.09 -2.92 18.65
CA ALA B 236 -0.08 -3.70 17.94
C ALA B 236 0.90 -2.75 17.26
N THR B 237 2.10 -3.25 17.02
CA THR B 237 3.18 -2.45 16.42
C THR B 237 3.59 -3.09 15.11
N ASP B 238 3.51 -2.33 14.02
CA ASP B 238 3.95 -2.76 12.72
C ASP B 238 5.31 -2.14 12.42
N GLN B 239 6.26 -2.97 12.00
CA GLN B 239 7.63 -2.50 11.74
C GLN B 239 7.77 -1.79 10.40
N ASP B 240 6.68 -1.61 9.65
CA ASP B 240 6.73 -0.96 8.35
C ASP B 240 6.43 0.54 8.51
N GLU B 241 6.13 1.21 7.40
CA GLU B 241 5.79 2.62 7.39
C GLU B 241 4.68 2.88 6.39
N GLY B 242 4.04 4.03 6.51
CA GLY B 242 3.00 4.41 5.57
C GLY B 242 1.77 3.51 5.69
N VAL B 243 1.04 3.40 4.58
CA VAL B 243 -0.18 2.61 4.55
C VAL B 243 0.09 1.14 4.85
N ASN B 244 1.34 0.70 4.76
CA ASN B 244 1.70 -0.67 5.10
C ASN B 244 1.76 -0.91 6.60
N ALA B 245 1.48 0.10 7.43
CA ALA B 245 1.64 -0.03 8.88
C ALA B 245 0.46 0.52 9.66
N GLU B 246 -0.71 0.67 9.03
CA GLU B 246 -1.92 1.03 9.75
C GLU B 246 -2.75 -0.23 10.02
N ILE B 247 -3.26 -0.32 11.24
CA ILE B 247 -3.77 -1.57 11.78
C ILE B 247 -5.30 -1.54 11.79
N THR B 248 -5.90 -2.72 11.65
CA THR B 248 -7.31 -2.94 11.90
C THR B 248 -7.45 -4.13 12.82
N TYR B 249 -8.13 -3.94 13.95
CA TYR B 249 -8.38 -5.00 14.92
C TYR B 249 -9.83 -5.47 14.80
N ALA B 250 -10.03 -6.76 15.02
CA ALA B 250 -11.40 -7.30 14.99
C ALA B 250 -11.45 -8.63 15.72
N PHE B 251 -12.63 -8.96 16.23
CA PHE B 251 -12.86 -10.27 16.83
C PHE B 251 -12.73 -11.36 15.78
N HIS B 252 -12.42 -12.57 16.25
CA HIS B 252 -12.07 -13.67 15.35
C HIS B 252 -12.40 -14.99 16.02
N ASN B 253 -13.35 -15.72 15.43
CA ASN B 253 -13.79 -17.02 15.94
C ASN B 253 -14.25 -16.90 17.41
N VAL B 254 -15.41 -16.27 17.58
CA VAL B 254 -15.95 -15.99 18.90
C VAL B 254 -17.38 -16.50 18.98
N ASP B 255 -17.82 -16.73 20.22
CA ASP B 255 -19.20 -17.08 20.48
C ASP B 255 -20.11 -15.88 20.21
N GLU B 256 -21.38 -16.18 19.89
CA GLU B 256 -22.35 -15.12 19.64
C GLU B 256 -22.45 -14.16 20.82
N GLN B 257 -22.39 -14.70 22.04
CA GLN B 257 -22.53 -13.87 23.24
C GLN B 257 -21.37 -12.90 23.38
N VAL B 258 -20.16 -13.29 22.98
CA VAL B 258 -19.01 -12.39 23.03
C VAL B 258 -19.24 -11.19 22.11
N GLU B 259 -19.86 -11.42 20.95
CA GLU B 259 -20.15 -10.33 20.04
C GLU B 259 -21.34 -9.49 20.52
N ARG B 260 -22.24 -10.09 21.29
CA ARG B 260 -23.39 -9.34 21.79
C ARG B 260 -23.04 -8.47 23.00
N ILE B 261 -22.10 -8.92 23.84
CA ILE B 261 -21.78 -8.20 25.06
C ILE B 261 -20.69 -7.16 24.85
N PHE B 262 -19.65 -7.50 24.09
CA PHE B 262 -18.46 -6.66 23.98
C PHE B 262 -18.42 -5.94 22.63
N ASN B 263 -17.91 -4.72 22.65
CA ASN B 263 -17.70 -3.91 21.45
C ASN B 263 -16.24 -3.49 21.40
N LEU B 264 -15.58 -3.84 20.31
CA LEU B 264 -14.16 -3.57 20.10
C LEU B 264 -13.99 -2.55 18.99
N ASP B 265 -13.28 -1.47 19.29
CA ASP B 265 -13.02 -0.43 18.29
C ASP B 265 -12.08 -0.97 17.22
N LYS B 266 -12.50 -0.86 15.96
CA LYS B 266 -11.68 -1.38 14.87
C LYS B 266 -10.39 -0.60 14.72
N ARG B 267 -10.39 0.68 15.07
CA ARG B 267 -9.21 1.52 14.91
C ARG B 267 -8.32 1.58 16.13
N THR B 268 -8.90 1.51 17.34
CA THR B 268 -8.13 1.71 18.56
C THR B 268 -7.66 0.40 19.18
N GLY B 269 -8.35 -0.71 18.94
CA GLY B 269 -8.06 -1.93 19.65
C GLY B 269 -8.52 -1.90 21.09
N GLU B 270 -9.56 -1.12 21.39
CA GLU B 270 -10.05 -0.93 22.75
C GLU B 270 -11.41 -1.61 22.88
N ILE B 271 -11.54 -2.46 23.90
CA ILE B 271 -12.76 -3.24 24.12
C ILE B 271 -13.53 -2.62 25.28
N THR B 272 -14.84 -2.47 25.10
CA THR B 272 -15.75 -2.11 26.16
C THR B 272 -16.94 -3.06 26.13
N THR B 273 -17.87 -2.88 27.06
CA THR B 273 -19.07 -3.70 27.12
C THR B 273 -20.27 -2.91 26.60
N LYS B 274 -21.14 -3.58 25.87
CA LYS B 274 -22.36 -2.97 25.34
C LYS B 274 -23.62 -3.51 26.02
N ASP B 275 -23.46 -4.24 27.12
CA ASP B 275 -24.61 -4.82 27.82
C ASP B 275 -24.19 -5.09 29.26
N ASN B 276 -25.13 -5.61 30.05
CA ASN B 276 -24.88 -5.98 31.43
C ASN B 276 -24.37 -7.41 31.51
N LEU B 277 -23.47 -7.65 32.47
CA LEU B 277 -22.92 -8.97 32.71
C LEU B 277 -23.60 -9.62 33.91
N ASP B 278 -23.59 -10.95 33.92
CA ASP B 278 -24.11 -11.71 35.06
C ASP B 278 -23.14 -12.86 35.34
N PHE B 279 -22.86 -13.06 36.63
CA PHE B 279 -21.92 -14.11 37.02
C PHE B 279 -22.54 -15.49 36.88
N GLU B 280 -23.82 -15.62 37.22
CA GLU B 280 -24.47 -16.93 37.22
C GLU B 280 -24.73 -17.45 35.81
N THR B 281 -24.80 -16.58 34.81
CA THR B 281 -24.97 -17.04 33.44
C THR B 281 -23.65 -17.56 32.87
N ALA B 282 -22.61 -16.73 32.92
CA ALA B 282 -21.29 -17.10 32.42
C ALA B 282 -20.23 -16.55 33.36
N LYS B 283 -19.29 -17.40 33.76
CA LYS B 283 -18.28 -17.02 34.73
C LYS B 283 -17.00 -16.48 34.07
N SER B 284 -16.78 -16.79 32.80
CA SER B 284 -15.61 -16.32 32.08
C SER B 284 -15.95 -16.14 30.61
N TYR B 285 -15.13 -15.36 29.92
CA TYR B 285 -15.29 -15.10 28.49
C TYR B 285 -13.92 -15.16 27.84
N THR B 286 -13.76 -16.03 26.84
CA THR B 286 -12.52 -16.14 26.10
C THR B 286 -12.65 -15.33 24.82
N LEU B 287 -11.90 -14.23 24.73
CA LEU B 287 -11.93 -13.36 23.57
C LEU B 287 -10.71 -13.63 22.69
N ASN B 288 -10.92 -13.58 21.37
CA ASN B 288 -9.85 -13.79 20.41
C ASN B 288 -9.81 -12.58 19.48
N VAL B 289 -8.67 -11.89 19.44
CA VAL B 289 -8.51 -10.65 18.70
C VAL B 289 -7.47 -10.86 17.61
N GLU B 290 -7.77 -10.36 16.42
CA GLU B 290 -6.87 -10.41 15.28
C GLU B 290 -6.56 -8.99 14.82
N ALA B 291 -5.27 -8.69 14.65
CA ALA B 291 -4.80 -7.42 14.13
C ALA B 291 -4.19 -7.64 12.75
N LYS B 292 -4.69 -6.90 11.76
CA LYS B 292 -4.29 -7.09 10.37
C LYS B 292 -3.93 -5.75 9.74
N ASP B 293 -2.94 -5.79 8.85
CA ASP B 293 -2.57 -4.65 8.02
C ASP B 293 -3.27 -4.76 6.67
N PRO B 294 -3.21 -3.72 5.83
CA PRO B 294 -3.89 -3.80 4.53
C PRO B 294 -3.48 -4.97 3.66
N GLY B 295 -2.34 -5.60 3.94
CA GLY B 295 -1.88 -6.72 3.14
C GLY B 295 -2.40 -8.07 3.56
N ASP B 296 -3.39 -8.12 4.45
CA ASP B 296 -3.91 -9.37 5.03
C ASP B 296 -2.81 -10.15 5.74
N LEU B 297 -1.83 -9.44 6.29
CA LEU B 297 -0.89 -10.00 7.26
C LEU B 297 -1.43 -9.69 8.65
N ALA B 298 -1.53 -10.71 9.50
CA ALA B 298 -2.22 -10.55 10.76
C ALA B 298 -1.53 -11.35 11.85
N SER B 299 -1.67 -10.88 13.09
CA SER B 299 -1.30 -11.64 14.27
C SER B 299 -2.49 -11.69 15.21
N HIS B 300 -2.48 -12.67 16.11
CA HIS B 300 -3.64 -12.97 16.93
C HIS B 300 -3.24 -13.07 18.40
N CYS B 301 -4.09 -12.54 19.27
CA CYS B 301 -3.93 -12.67 20.70
C CYS B 301 -5.28 -13.04 21.30
N SER B 302 -5.28 -13.37 22.59
CA SER B 302 -6.52 -13.74 23.26
C SER B 302 -6.58 -13.09 24.63
N ILE B 303 -7.77 -12.61 24.99
CA ILE B 303 -8.02 -11.98 26.27
C ILE B 303 -8.93 -12.91 27.06
N GLN B 304 -8.39 -13.53 28.11
CA GLN B 304 -9.16 -14.43 28.97
C GLN B 304 -9.76 -13.62 30.11
N VAL B 305 -11.03 -13.30 29.99
CA VAL B 305 -11.74 -12.50 30.98
C VAL B 305 -12.38 -13.43 32.00
N LYS B 306 -12.20 -13.11 33.28
CA LYS B 306 -12.90 -13.77 34.37
C LYS B 306 -13.86 -12.79 35.03
N ILE B 307 -14.96 -13.31 35.56
CA ILE B 307 -16.01 -12.49 36.15
C ILE B 307 -16.04 -12.71 37.65
N LEU B 308 -16.23 -11.63 38.40
CA LEU B 308 -16.31 -11.68 39.85
C LEU B 308 -17.76 -11.69 40.30
N ASP B 309 -18.07 -12.55 41.27
CA ASP B 309 -19.42 -12.69 41.77
C ASP B 309 -19.73 -11.59 42.78
N GLU B 310 -20.92 -10.99 42.64
CA GLU B 310 -21.41 -9.99 43.56
C GLU B 310 -22.75 -10.44 44.12
N ASN B 311 -22.99 -10.19 45.40
CA ASN B 311 -24.18 -10.68 46.10
C ASN B 311 -25.39 -9.87 45.63
N ASP B 312 -26.18 -10.45 44.73
CA ASP B 312 -27.39 -9.81 44.25
C ASP B 312 -28.62 -10.72 44.24
N CYS B 313 -28.47 -12.00 44.53
CA CYS B 313 -29.59 -12.94 44.55
C CYS B 313 -30.01 -13.18 45.99
N VAL B 314 -31.28 -12.89 46.29
CA VAL B 314 -31.83 -13.13 47.63
C VAL B 314 -31.94 -14.64 47.84
N PRO B 315 -31.75 -15.14 49.05
CA PRO B 315 -31.98 -16.56 49.30
C PRO B 315 -33.46 -16.88 49.34
N GLU B 316 -33.79 -18.09 48.88
CA GLU B 316 -35.18 -18.54 48.79
C GLU B 316 -35.39 -19.72 49.73
N VAL B 317 -36.47 -19.66 50.51
CA VAL B 317 -36.89 -20.75 51.38
C VAL B 317 -38.06 -21.46 50.72
N ILE B 318 -38.01 -22.79 50.71
CA ILE B 318 -39.03 -23.62 50.09
C ILE B 318 -39.51 -24.63 51.12
N VAL B 319 -40.82 -24.69 51.35
CA VAL B 319 -41.43 -25.64 52.27
C VAL B 319 -41.99 -26.78 51.44
N THR B 320 -41.24 -27.87 51.35
CA THR B 320 -41.64 -28.99 50.50
C THR B 320 -42.95 -29.61 50.98
N SER B 321 -43.06 -29.87 52.28
CA SER B 321 -44.27 -30.47 52.83
C SER B 321 -44.50 -29.97 54.24
N VAL B 322 -45.77 -29.84 54.61
CA VAL B 322 -46.19 -29.43 55.94
C VAL B 322 -47.07 -30.53 56.53
N PHE B 323 -47.07 -30.62 57.85
CA PHE B 323 -47.88 -31.59 58.58
C PHE B 323 -48.95 -30.81 59.33
N THR B 324 -50.04 -30.50 58.63
CA THR B 324 -51.20 -29.88 59.26
C THR B 324 -52.47 -30.49 58.66
N PRO B 325 -53.49 -30.75 59.50
CA PRO B 325 -53.57 -30.47 60.94
C PRO B 325 -52.71 -31.40 61.78
N LEU B 326 -52.27 -30.90 62.94
CA LEU B 326 -51.34 -31.59 63.81
C LEU B 326 -52.05 -32.06 65.07
N PRO B 327 -52.10 -33.37 65.34
CA PRO B 327 -52.75 -33.83 66.57
C PRO B 327 -51.99 -33.38 67.80
N GLU B 328 -52.74 -32.99 68.83
CA GLU B 328 -52.10 -32.46 70.04
C GLU B 328 -51.32 -33.54 70.79
N ASP B 329 -51.62 -34.82 70.55
CA ASP B 329 -50.86 -35.91 71.15
C ASP B 329 -49.61 -36.27 70.36
N SER B 330 -49.08 -35.34 69.58
CA SER B 330 -47.88 -35.61 68.78
C SER B 330 -46.66 -35.70 69.68
N PRO B 331 -45.90 -36.80 69.63
CA PRO B 331 -44.75 -36.92 70.52
C PRO B 331 -43.62 -35.95 70.18
N LEU B 332 -42.55 -35.98 70.97
CA LEU B 332 -41.42 -35.12 70.70
C LEU B 332 -40.67 -35.59 69.46
N GLY B 333 -39.98 -34.65 68.83
CA GLY B 333 -39.20 -34.97 67.66
C GLY B 333 -40.01 -35.42 66.47
N THR B 334 -41.31 -35.14 66.46
CA THR B 334 -42.14 -35.48 65.31
C THR B 334 -41.93 -34.43 64.22
N VAL B 335 -41.86 -34.91 62.97
CA VAL B 335 -41.51 -34.04 61.85
C VAL B 335 -42.76 -33.32 61.37
N ILE B 336 -42.66 -32.00 61.25
CA ILE B 336 -43.77 -31.17 60.79
C ILE B 336 -43.57 -30.82 59.33
N ALA B 337 -42.55 -30.00 59.04
CA ALA B 337 -42.33 -29.47 57.70
C ALA B 337 -40.92 -29.80 57.24
N LEU B 338 -40.79 -30.03 55.93
CA LEU B 338 -39.50 -30.27 55.30
C LEU B 338 -39.10 -29.01 54.54
N ILE B 339 -37.84 -28.59 54.71
CA ILE B 339 -37.38 -27.31 54.19
C ILE B 339 -36.15 -27.52 53.32
N LYS B 340 -36.08 -26.79 52.21
CA LYS B 340 -34.91 -26.71 51.36
C LYS B 340 -34.53 -25.24 51.15
N THR B 341 -33.28 -25.01 50.74
CA THR B 341 -32.77 -23.66 50.55
C THR B 341 -32.04 -23.55 49.22
N ARG B 342 -32.27 -22.45 48.52
CA ARG B 342 -31.65 -22.21 47.22
C ARG B 342 -31.17 -20.78 47.14
N ASP B 343 -29.89 -20.60 46.82
CA ASP B 343 -29.32 -19.30 46.49
C ASP B 343 -28.50 -19.48 45.22
N ARG B 344 -28.79 -18.67 44.20
CA ARG B 344 -28.14 -18.81 42.92
C ARG B 344 -26.72 -18.25 42.91
N ASP B 345 -26.37 -17.39 43.87
CA ASP B 345 -25.00 -16.92 43.99
C ASP B 345 -24.07 -18.08 44.34
N SER B 346 -22.78 -17.79 44.28
CA SER B 346 -21.74 -18.77 44.59
C SER B 346 -20.84 -18.24 45.69
N GLY B 347 -20.29 -19.16 46.47
CA GLY B 347 -19.43 -18.77 47.59
C GLY B 347 -20.24 -18.37 48.81
N GLU B 348 -19.66 -17.48 49.61
CA GLU B 348 -20.36 -16.99 50.80
C GLU B 348 -21.63 -16.23 50.46
N ASN B 349 -21.72 -15.68 49.24
CA ASN B 349 -22.95 -15.03 48.81
C ASN B 349 -24.08 -16.03 48.58
N GLY B 350 -23.73 -17.30 48.30
CA GLY B 350 -24.72 -18.35 48.14
C GLY B 350 -24.79 -19.36 49.25
N ASP B 351 -24.19 -19.09 50.41
CA ASP B 351 -24.21 -19.98 51.56
C ASP B 351 -25.32 -19.50 52.50
N VAL B 352 -26.42 -20.24 52.55
CA VAL B 352 -27.62 -19.83 53.26
C VAL B 352 -27.74 -20.65 54.55
N TYR B 353 -28.23 -20.00 55.61
CA TYR B 353 -28.54 -20.69 56.85
C TYR B 353 -29.88 -20.18 57.37
N CYS B 354 -30.58 -21.04 58.11
CA CYS B 354 -31.95 -20.79 58.54
C CYS B 354 -32.06 -20.88 60.05
N HIS B 355 -33.08 -20.21 60.58
CA HIS B 355 -33.44 -20.36 61.98
C HIS B 355 -34.89 -19.91 62.17
N VAL B 356 -35.47 -20.36 63.29
CA VAL B 356 -36.84 -20.05 63.64
C VAL B 356 -36.86 -18.82 64.53
N LEU B 357 -37.89 -17.98 64.37
CA LEU B 357 -38.07 -16.83 65.23
C LEU B 357 -38.90 -17.23 66.46
N GLY B 358 -38.52 -16.69 67.61
CA GLY B 358 -39.24 -16.96 68.84
C GLY B 358 -38.99 -18.36 69.38
N ASN B 359 -39.60 -18.64 70.52
CA ASN B 359 -39.45 -19.92 71.21
C ASN B 359 -40.84 -20.45 71.54
N GLU B 360 -41.26 -21.49 70.82
CA GLU B 360 -42.60 -22.04 71.02
C GLU B 360 -42.64 -23.56 70.87
N GLY B 361 -41.51 -24.23 70.85
CA GLY B 361 -41.48 -25.68 70.83
C GLY B 361 -41.13 -26.31 69.51
N PHE B 362 -40.54 -25.55 68.58
CA PHE B 362 -40.14 -26.07 67.29
C PHE B 362 -38.67 -25.75 67.03
N VAL B 363 -37.93 -26.74 66.53
CA VAL B 363 -36.50 -26.60 66.26
C VAL B 363 -36.19 -27.17 64.88
N LEU B 364 -35.23 -26.55 64.20
CA LEU B 364 -34.82 -26.94 62.86
C LEU B 364 -33.60 -27.85 62.94
N LYS B 365 -33.80 -29.14 62.71
CA LYS B 365 -32.73 -30.12 62.70
C LYS B 365 -32.30 -30.38 61.26
N SER B 366 -31.02 -30.12 60.97
CA SER B 366 -30.49 -30.27 59.61
C SER B 366 -30.03 -31.70 59.41
N SER B 367 -30.71 -32.43 58.50
CA SER B 367 -30.28 -33.78 58.16
C SER B 367 -29.01 -33.76 57.32
N SER B 368 -28.92 -32.82 56.37
CA SER B 368 -27.73 -32.63 55.56
C SER B 368 -27.58 -31.15 55.27
N LYS B 369 -26.52 -30.80 54.54
CA LYS B 369 -26.29 -29.41 54.19
C LYS B 369 -27.38 -28.92 53.25
N ASN B 370 -27.94 -27.75 53.57
CA ASN B 370 -28.98 -27.03 52.81
C ASN B 370 -30.37 -27.65 52.95
N TYR B 371 -30.58 -28.60 53.87
CA TYR B 371 -31.87 -29.24 54.04
C TYR B 371 -32.21 -29.30 55.52
N TYR B 372 -33.47 -29.02 55.85
CA TYR B 372 -33.88 -28.92 57.24
C TYR B 372 -35.19 -29.67 57.47
N LYS B 373 -35.35 -30.13 58.72
CA LYS B 373 -36.59 -30.73 59.20
C LYS B 373 -37.05 -29.94 60.41
N LEU B 374 -38.28 -29.43 60.36
CA LEU B 374 -38.84 -28.66 61.46
C LEU B 374 -39.57 -29.63 62.40
N VAL B 375 -38.96 -29.90 63.55
CA VAL B 375 -39.47 -30.89 64.49
C VAL B 375 -39.92 -30.20 65.77
N THR B 376 -40.63 -30.95 66.61
CA THR B 376 -41.15 -30.44 67.88
C THR B 376 -40.29 -30.92 69.04
N ASP B 377 -40.06 -30.02 70.00
CA ASP B 377 -39.39 -30.36 71.24
C ASP B 377 -40.27 -30.05 72.44
N ARG B 378 -41.59 -30.03 72.24
CA ARG B 378 -42.54 -29.74 73.31
C ARG B 378 -43.83 -30.48 73.03
N THR B 379 -44.48 -30.97 74.09
CA THR B 379 -45.78 -31.61 73.95
C THR B 379 -46.87 -30.56 73.76
N LEU B 380 -47.62 -30.68 72.66
CA LEU B 380 -48.64 -29.71 72.33
C LEU B 380 -49.91 -29.97 73.13
N ASP B 381 -50.77 -28.95 73.20
CA ASP B 381 -52.05 -29.06 73.89
C ASP B 381 -53.02 -28.10 73.20
N ARG B 382 -54.04 -28.64 72.53
CA ARG B 382 -54.93 -27.81 71.74
C ARG B 382 -55.74 -26.87 72.62
N GLU B 383 -56.08 -27.29 73.85
CA GLU B 383 -56.84 -26.43 74.75
C GLU B 383 -56.05 -25.22 75.20
N ALA B 384 -54.72 -25.25 75.08
CA ALA B 384 -53.90 -24.10 75.42
C ALA B 384 -53.63 -23.25 74.18
N ILE B 385 -52.87 -23.79 73.23
CA ILE B 385 -52.55 -23.07 72.00
C ILE B 385 -53.00 -23.90 70.79
N PRO B 386 -54.08 -23.50 70.12
CA PRO B 386 -54.58 -24.30 68.98
C PRO B 386 -53.99 -23.90 67.63
N GLU B 387 -53.37 -22.72 67.53
CA GLU B 387 -52.84 -22.22 66.29
C GLU B 387 -51.43 -21.67 66.49
N TYR B 388 -50.55 -21.95 65.52
CA TYR B 388 -49.17 -21.47 65.55
C TYR B 388 -48.84 -20.78 64.23
N ASN B 389 -48.02 -19.73 64.29
CA ASN B 389 -47.56 -19.00 63.11
C ASN B 389 -46.04 -19.00 63.09
N VAL B 390 -45.44 -20.14 62.75
CA VAL B 390 -44.00 -20.31 62.80
C VAL B 390 -43.35 -19.56 61.64
N THR B 391 -42.54 -18.55 61.97
CA THR B 391 -41.85 -17.76 60.95
C THR B 391 -40.40 -18.25 60.84
N ILE B 392 -40.04 -18.73 59.65
CA ILE B 392 -38.69 -19.22 59.38
C ILE B 392 -37.93 -18.17 58.58
N VAL B 393 -36.68 -17.93 58.96
CA VAL B 393 -35.83 -16.92 58.33
C VAL B 393 -34.58 -17.59 57.79
N ALA B 394 -34.14 -17.14 56.61
CA ALA B 394 -32.90 -17.59 56.00
C ALA B 394 -32.08 -16.39 55.55
N ALA B 395 -30.77 -16.46 55.77
CA ALA B 395 -29.86 -15.40 55.39
C ALA B 395 -28.58 -15.99 54.82
N ASP B 396 -27.89 -15.19 54.01
CA ASP B 396 -26.61 -15.56 53.44
C ASP B 396 -25.47 -14.88 54.20
N ARG B 397 -24.25 -15.36 53.96
CA ARG B 397 -23.06 -14.89 54.66
C ARG B 397 -22.18 -14.01 53.78
N GLY B 398 -22.78 -13.31 52.82
CA GLY B 398 -22.05 -12.37 52.00
C GLY B 398 -22.12 -10.96 52.56
N LYS B 399 -21.32 -10.07 51.97
CA LYS B 399 -21.31 -8.67 52.39
C LYS B 399 -21.67 -7.76 51.22
N PRO B 400 -22.82 -7.09 51.30
CA PRO B 400 -23.77 -7.17 52.42
C PRO B 400 -24.69 -8.38 52.30
N PRO B 401 -25.19 -8.88 53.44
CA PRO B 401 -26.05 -10.06 53.41
C PRO B 401 -27.48 -9.73 53.01
N LEU B 402 -28.18 -10.76 52.52
CA LEU B 402 -29.58 -10.67 52.12
C LEU B 402 -30.33 -11.86 52.70
N SER B 403 -31.57 -11.63 53.11
CA SER B 403 -32.36 -12.63 53.82
C SER B 403 -33.79 -12.64 53.28
N SER B 404 -34.54 -13.67 53.69
CA SER B 404 -35.95 -13.79 53.35
C SER B 404 -36.61 -14.71 54.36
N ASN B 405 -37.92 -14.54 54.52
CA ASN B 405 -38.68 -15.29 55.52
C ASN B 405 -39.94 -15.89 54.90
N VAL B 406 -40.49 -16.89 55.59
CA VAL B 406 -41.82 -17.41 55.30
C VAL B 406 -42.54 -17.65 56.62
N ILE B 407 -43.87 -17.74 56.53
CA ILE B 407 -44.72 -17.93 57.70
C ILE B 407 -45.56 -19.18 57.48
N ILE B 408 -45.21 -20.25 58.17
CA ILE B 408 -46.00 -21.48 58.17
C ILE B 408 -47.10 -21.34 59.22
N THR B 409 -48.30 -21.79 58.87
CA THR B 409 -49.44 -21.77 59.79
C THR B 409 -49.79 -23.20 60.16
N LEU B 410 -49.83 -23.47 61.47
CA LEU B 410 -50.06 -24.80 62.01
C LEU B 410 -51.36 -24.81 62.80
N HIS B 411 -52.24 -25.76 62.46
CA HIS B 411 -53.47 -25.98 63.19
C HIS B 411 -53.36 -27.28 63.97
N ILE B 412 -53.84 -27.26 65.20
CA ILE B 412 -53.67 -28.38 66.12
C ILE B 412 -54.96 -29.19 66.17
N SER B 413 -54.86 -30.48 65.85
CA SER B 413 -56.01 -31.36 65.86
C SER B 413 -56.35 -31.78 67.27
N ASP B 414 -57.65 -31.89 67.55
CA ASP B 414 -58.12 -32.28 68.88
C ASP B 414 -58.01 -33.79 69.05
N VAL B 415 -57.77 -34.21 70.29
CA VAL B 415 -57.86 -35.61 70.69
C VAL B 415 -58.60 -35.66 72.02
N ASN B 416 -59.48 -36.65 72.17
CA ASN B 416 -60.24 -36.80 73.41
C ASN B 416 -59.27 -37.18 74.53
N ASP B 417 -58.61 -36.16 75.09
CA ASP B 417 -57.64 -36.35 76.16
C ASP B 417 -58.07 -35.66 77.45
N ASN B 418 -59.38 -35.46 77.63
CA ASN B 418 -59.90 -34.86 78.85
C ASN B 418 -61.24 -35.49 79.16
N ALA B 419 -61.32 -36.26 80.24
CA ALA B 419 -62.59 -36.77 80.71
C ALA B 419 -63.36 -35.67 81.43
N PRO B 420 -64.69 -35.71 81.43
CA PRO B 420 -65.46 -34.69 82.13
C PRO B 420 -65.25 -34.79 83.63
N VAL B 421 -65.38 -33.65 84.31
CA VAL B 421 -65.24 -33.58 85.76
C VAL B 421 -66.45 -32.86 86.33
N PHE B 422 -66.97 -33.40 87.43
CA PHE B 422 -68.08 -32.76 88.13
C PHE B 422 -67.59 -31.55 88.90
N HIS B 423 -68.42 -30.50 88.93
CA HIS B 423 -68.02 -29.27 89.58
C HIS B 423 -67.88 -29.42 91.09
N GLN B 424 -68.47 -30.47 91.67
CA GLN B 424 -68.38 -30.73 93.10
C GLN B 424 -67.87 -32.15 93.32
N ALA B 425 -67.30 -32.37 94.51
CA ALA B 425 -66.78 -33.69 94.84
C ALA B 425 -67.92 -34.65 95.18
N SER B 426 -68.92 -34.20 95.92
CA SER B 426 -70.04 -35.03 96.32
C SER B 426 -71.31 -34.19 96.32
N TYR B 427 -72.44 -34.88 96.27
CA TYR B 427 -73.74 -34.23 96.22
C TYR B 427 -74.59 -34.70 97.40
N LEU B 428 -75.16 -33.74 98.12
CA LEU B 428 -76.06 -34.01 99.24
C LEU B 428 -77.31 -33.17 99.05
N VAL B 429 -78.46 -33.83 98.97
CA VAL B 429 -79.71 -33.19 98.59
C VAL B 429 -80.81 -33.60 99.56
N HIS B 430 -81.59 -32.64 100.02
CA HIS B 430 -82.66 -32.87 100.98
C HIS B 430 -84.00 -32.85 100.27
N VAL B 431 -84.81 -33.89 100.50
CA VAL B 431 -86.14 -34.01 99.91
C VAL B 431 -87.15 -34.04 101.05
N ALA B 432 -88.16 -33.18 100.95
CA ALA B 432 -89.25 -33.22 101.92
C ALA B 432 -90.04 -34.51 101.76
N GLU B 433 -90.79 -34.86 102.80
CA GLU B 433 -91.58 -36.08 102.77
C GLU B 433 -92.88 -35.87 102.01
N ASN B 434 -93.30 -36.90 101.28
CA ASN B 434 -94.53 -36.87 100.48
C ASN B 434 -94.46 -35.81 99.38
N ASN B 435 -93.33 -35.80 98.68
CA ASN B 435 -93.17 -34.93 97.53
C ASN B 435 -93.95 -35.49 96.34
N PRO B 436 -94.42 -34.63 95.44
CA PRO B 436 -95.09 -35.11 94.24
C PRO B 436 -94.14 -35.88 93.35
N PRO B 437 -94.57 -37.03 92.81
CA PRO B 437 -93.70 -37.76 91.88
C PRO B 437 -93.48 -36.96 90.61
N GLY B 438 -92.22 -36.93 90.16
CA GLY B 438 -91.87 -36.17 88.98
C GLY B 438 -91.50 -34.73 89.24
N THR B 439 -90.94 -34.42 90.42
CA THR B 439 -90.49 -33.08 90.75
C THR B 439 -88.96 -33.07 90.86
N SER B 440 -88.37 -31.95 90.45
CA SER B 440 -86.91 -31.80 90.50
C SER B 440 -86.44 -31.75 91.94
N ILE B 441 -85.52 -32.66 92.29
CA ILE B 441 -84.96 -32.66 93.65
C ILE B 441 -83.55 -32.12 93.60
N ALA B 442 -82.82 -32.36 92.50
CA ALA B 442 -81.43 -31.91 92.45
C ALA B 442 -81.04 -31.59 91.02
N GLN B 443 -79.80 -31.13 90.86
CA GLN B 443 -79.18 -30.96 89.55
C GLN B 443 -77.67 -31.04 89.70
N VAL B 444 -77.04 -31.92 88.93
CA VAL B 444 -75.61 -32.04 88.90
C VAL B 444 -75.09 -31.35 87.64
N SER B 445 -73.77 -31.14 87.58
CA SER B 445 -73.18 -30.46 86.43
C SER B 445 -71.74 -30.91 86.26
N ALA B 446 -71.29 -30.91 85.01
CA ALA B 446 -69.92 -31.32 84.69
C ALA B 446 -69.44 -30.52 83.49
N SER B 447 -68.13 -30.52 83.29
CA SER B 447 -67.52 -29.76 82.21
C SER B 447 -66.48 -30.62 81.50
N ASP B 448 -66.32 -30.36 80.20
CA ASP B 448 -65.31 -31.00 79.37
C ASP B 448 -64.71 -29.95 78.44
N PRO B 449 -63.39 -29.72 78.48
CA PRO B 449 -62.79 -28.67 77.65
C PRO B 449 -62.60 -29.07 76.19
N ASP B 450 -62.81 -30.33 75.84
CA ASP B 450 -62.55 -30.80 74.48
C ASP B 450 -63.52 -30.16 73.49
N LEU B 451 -63.36 -30.53 72.22
CA LEU B 451 -64.05 -29.89 71.11
C LEU B 451 -65.12 -30.80 70.55
N GLY B 452 -66.33 -30.27 70.42
CA GLY B 452 -67.38 -30.97 69.69
C GLY B 452 -67.88 -32.19 70.43
N SER B 453 -67.94 -33.32 69.72
CA SER B 453 -68.45 -34.56 70.32
C SER B 453 -67.55 -35.03 71.46
N ASN B 454 -66.27 -34.67 71.43
CA ASN B 454 -65.39 -34.99 72.54
C ASN B 454 -65.72 -34.18 73.80
N GLY B 455 -66.49 -33.10 73.65
CA GLY B 455 -66.87 -32.27 74.79
C GLY B 455 -68.34 -32.34 75.13
N LEU B 456 -69.08 -33.20 74.43
CA LEU B 456 -70.49 -33.40 74.72
C LEU B 456 -70.65 -34.34 75.92
N ILE B 457 -71.42 -33.92 76.91
CA ILE B 457 -71.62 -34.66 78.15
C ILE B 457 -73.03 -35.22 78.18
N SER B 458 -73.16 -36.46 78.62
CA SER B 458 -74.45 -37.10 78.81
C SER B 458 -74.42 -37.84 80.14
N TYR B 459 -75.34 -37.48 81.04
CA TYR B 459 -75.36 -38.02 82.39
C TYR B 459 -76.23 -39.27 82.48
N SER B 460 -76.04 -40.00 83.57
CA SER B 460 -76.77 -41.24 83.82
C SER B 460 -76.55 -41.64 85.27
N ILE B 461 -77.44 -42.50 85.78
CA ILE B 461 -77.34 -43.07 87.11
C ILE B 461 -76.88 -44.52 86.97
N ILE B 462 -75.63 -44.79 87.34
CA ILE B 462 -75.11 -46.13 87.11
C ILE B 462 -75.51 -47.08 88.23
N ALA B 463 -75.49 -46.64 89.49
CA ALA B 463 -75.75 -47.60 90.56
C ALA B 463 -76.26 -46.90 91.80
N SER B 464 -76.80 -47.70 92.71
CA SER B 464 -77.23 -47.23 94.02
C SER B 464 -77.40 -48.44 94.93
N ASP B 465 -77.68 -48.17 96.22
CA ASP B 465 -77.83 -49.25 97.18
C ASP B 465 -79.18 -49.94 97.08
N LEU B 466 -80.20 -49.25 96.59
CA LEU B 466 -81.52 -49.85 96.44
C LEU B 466 -81.46 -51.06 95.51
N GLU B 467 -82.48 -51.91 95.61
CA GLU B 467 -82.60 -53.02 94.70
C GLU B 467 -82.72 -52.48 93.27
N PRO B 468 -81.92 -52.98 92.32
CA PRO B 468 -81.92 -52.38 90.97
C PRO B 468 -83.27 -52.43 90.27
N ARG B 469 -84.18 -53.32 90.69
CA ARG B 469 -85.48 -53.39 90.06
C ARG B 469 -86.36 -52.19 90.42
N ALA B 470 -86.17 -51.64 91.63
CA ALA B 470 -86.94 -50.49 92.08
C ALA B 470 -86.21 -49.17 91.91
N LEU B 471 -84.98 -49.20 91.36
CA LEU B 471 -84.24 -47.96 91.15
C LEU B 471 -84.98 -47.03 90.19
N SER B 472 -85.59 -47.59 89.15
CA SER B 472 -86.37 -46.78 88.22
C SER B 472 -87.60 -46.16 88.89
N SER B 473 -88.01 -46.69 90.05
CA SER B 473 -89.18 -46.19 90.76
C SER B 473 -88.88 -45.05 91.71
N PHE B 474 -87.60 -44.75 91.98
CA PHE B 474 -87.23 -43.73 92.95
C PHE B 474 -86.73 -42.47 92.26
N VAL B 475 -85.58 -42.51 91.58
CA VAL B 475 -84.99 -41.33 90.99
C VAL B 475 -84.70 -41.55 89.51
N SER B 476 -84.50 -40.44 88.80
CA SER B 476 -84.11 -40.47 87.40
C SER B 476 -83.29 -39.23 87.10
N VAL B 477 -82.66 -39.21 85.93
CA VAL B 477 -81.79 -38.11 85.53
C VAL B 477 -82.05 -37.78 84.06
N ASN B 478 -82.02 -36.49 83.74
CA ASN B 478 -82.12 -36.03 82.35
C ASN B 478 -80.72 -35.91 81.78
N GLN B 479 -80.43 -36.71 80.75
CA GLN B 479 -79.06 -36.80 80.24
C GLN B 479 -78.59 -35.48 79.63
N ASP B 480 -79.52 -34.65 79.15
CA ASP B 480 -79.10 -33.41 78.50
C ASP B 480 -78.87 -32.29 79.50
N SER B 481 -79.75 -32.16 80.50
CA SER B 481 -79.68 -31.05 81.45
C SER B 481 -78.98 -31.40 82.74
N GLY B 482 -78.92 -32.67 83.12
CA GLY B 482 -78.27 -33.07 84.35
C GLY B 482 -79.09 -32.93 85.61
N VAL B 483 -80.40 -32.83 85.47
CA VAL B 483 -81.29 -32.65 86.61
C VAL B 483 -81.71 -34.01 87.15
N VAL B 484 -81.75 -34.13 88.48
CA VAL B 484 -82.17 -35.35 89.15
C VAL B 484 -83.61 -35.16 89.61
N PHE B 485 -84.52 -35.96 89.06
CA PHE B 485 -85.93 -35.95 89.37
C PHE B 485 -86.30 -37.12 90.26
N ALA B 486 -87.36 -36.94 91.04
CA ALA B 486 -87.91 -37.98 91.89
C ALA B 486 -89.10 -38.64 91.20
N GLN B 487 -89.07 -39.97 91.10
CA GLN B 487 -90.10 -40.72 90.39
C GLN B 487 -91.15 -41.33 91.31
N ARG B 488 -91.17 -40.95 92.57
CA ARG B 488 -92.21 -41.42 93.49
C ARG B 488 -92.29 -40.47 94.68
N ALA B 489 -93.31 -40.67 95.50
CA ALA B 489 -93.42 -39.96 96.76
C ALA B 489 -92.58 -40.66 97.82
N PHE B 490 -91.83 -39.89 98.59
CA PHE B 490 -90.90 -40.42 99.57
C PHE B 490 -91.55 -40.43 100.96
N ASP B 491 -91.39 -41.54 101.67
CA ASP B 491 -91.93 -41.71 103.02
C ASP B 491 -90.76 -41.85 103.99
N HIS B 492 -90.69 -40.95 104.97
CA HIS B 492 -89.57 -40.94 105.90
C HIS B 492 -89.59 -42.18 106.80
N GLU B 493 -90.77 -42.58 107.27
CA GLU B 493 -90.86 -43.74 108.15
C GLU B 493 -90.44 -45.03 107.45
N GLN B 494 -90.56 -45.09 106.12
CA GLN B 494 -90.16 -46.27 105.37
C GLN B 494 -88.66 -46.28 105.05
N LEU B 495 -88.11 -45.15 104.63
CA LEU B 495 -86.68 -45.05 104.30
C LEU B 495 -86.22 -43.63 104.53
N ARG B 496 -85.27 -43.44 105.45
CA ARG B 496 -84.86 -42.10 105.85
C ARG B 496 -83.88 -41.47 104.88
N SER B 497 -83.08 -42.28 104.19
CA SER B 497 -82.06 -41.75 103.29
C SER B 497 -81.52 -42.88 102.43
N PHE B 498 -81.09 -42.54 101.22
CA PHE B 498 -80.48 -43.51 100.32
C PHE B 498 -79.36 -42.83 99.53
N GLN B 499 -78.34 -43.60 99.19
CA GLN B 499 -77.19 -43.11 98.46
C GLN B 499 -77.26 -43.55 97.00
N LEU B 500 -76.39 -42.94 96.20
CA LEU B 500 -76.57 -42.91 94.75
C LEU B 500 -75.21 -42.72 94.10
N THR B 501 -75.10 -43.17 92.86
CA THR B 501 -73.84 -43.16 92.12
C THR B 501 -74.14 -42.87 90.65
N LEU B 502 -73.79 -41.66 90.21
CA LEU B 502 -74.04 -41.17 88.86
C LEU B 502 -72.77 -41.20 88.03
N GLN B 503 -72.94 -40.95 86.73
CA GLN B 503 -71.83 -40.96 85.77
C GLN B 503 -72.05 -39.86 84.74
N ALA B 504 -70.96 -39.16 84.40
CA ALA B 504 -70.94 -38.20 83.31
C ALA B 504 -69.99 -38.70 82.23
N ARG B 505 -70.51 -38.88 81.03
CA ARG B 505 -69.79 -39.52 79.93
C ARG B 505 -69.67 -38.57 78.76
N ASP B 506 -68.53 -38.62 78.08
CA ASP B 506 -68.33 -37.88 76.85
C ASP B 506 -68.66 -38.77 75.65
N HIS B 507 -68.97 -38.13 74.53
CA HIS B 507 -69.53 -38.84 73.38
C HIS B 507 -68.50 -39.23 72.33
N GLY B 508 -67.36 -38.54 72.26
CA GLY B 508 -66.35 -38.92 71.30
C GLY B 508 -65.81 -40.31 71.58
N SER B 509 -65.39 -40.99 70.51
CA SER B 509 -64.83 -42.33 70.63
C SER B 509 -63.31 -42.27 70.77
N PRO B 510 -62.76 -42.93 71.80
CA PRO B 510 -63.48 -43.73 72.80
C PRO B 510 -64.04 -42.89 73.94
N THR B 511 -64.98 -43.46 74.70
CA THR B 511 -65.67 -42.73 75.74
C THR B 511 -64.81 -42.56 76.98
N LEU B 512 -64.87 -41.37 77.57
CA LEU B 512 -64.25 -41.08 78.86
C LEU B 512 -65.35 -40.70 79.85
N SER B 513 -65.29 -41.27 81.04
CA SER B 513 -66.38 -41.19 82.00
C SER B 513 -65.87 -40.73 83.35
N ALA B 514 -66.80 -40.24 84.17
CA ALA B 514 -66.50 -39.82 85.54
C ALA B 514 -67.66 -40.19 86.44
N ASN B 515 -67.37 -40.91 87.52
CA ASN B 515 -68.39 -41.33 88.47
C ASN B 515 -68.42 -40.37 89.66
N VAL B 516 -69.63 -40.10 90.17
CA VAL B 516 -69.81 -39.22 91.32
C VAL B 516 -70.80 -39.89 92.28
N SER B 517 -70.70 -39.54 93.56
CA SER B 517 -71.58 -40.07 94.58
C SER B 517 -72.53 -38.98 95.06
N MET B 518 -73.79 -39.36 95.26
CA MET B 518 -74.83 -38.43 95.67
C MET B 518 -75.68 -39.04 96.78
N ARG B 519 -75.79 -38.33 97.90
CA ARG B 519 -76.53 -38.79 99.06
C ARG B 519 -77.85 -38.03 99.15
N VAL B 520 -78.95 -38.76 99.25
CA VAL B 520 -80.29 -38.18 99.31
C VAL B 520 -80.88 -38.44 100.69
N LEU B 521 -81.17 -37.36 101.42
CA LEU B 521 -81.73 -37.42 102.75
C LEU B 521 -83.22 -37.10 102.68
N VAL B 522 -84.06 -38.08 103.01
CA VAL B 522 -85.50 -37.88 103.02
C VAL B 522 -85.87 -37.11 104.29
N GLY B 523 -86.23 -35.84 104.13
CA GLY B 523 -86.69 -35.06 105.27
C GLY B 523 -87.93 -35.65 105.90
N ASP B 524 -88.15 -35.27 107.16
CA ASP B 524 -89.22 -35.84 107.97
C ASP B 524 -90.33 -34.81 108.15
N ARG B 525 -91.53 -35.14 107.69
CA ARG B 525 -92.75 -34.44 108.02
C ARG B 525 -93.60 -35.34 108.91
N ASN B 526 -94.76 -34.84 109.32
CA ASN B 526 -95.65 -35.58 110.21
C ASN B 526 -96.85 -36.06 109.40
N ASP B 527 -96.96 -37.37 109.20
CA ASP B 527 -98.07 -37.97 108.48
C ASP B 527 -98.61 -39.20 109.21
C1 NAG C . -51.52 -16.18 61.99
C2 NAG C . -52.52 -15.58 62.97
C3 NAG C . -53.85 -15.32 62.27
C4 NAG C . -53.65 -14.47 61.02
C5 NAG C . -52.58 -15.08 60.12
C6 NAG C . -52.20 -14.19 58.95
C7 NAG C . -52.03 -16.33 65.26
C8 NAG C . -52.36 -17.33 66.32
N2 NAG C . -52.71 -16.46 64.11
O3 NAG C . -54.74 -14.66 63.16
O4 NAG C . -54.88 -14.40 60.30
O5 NAG C . -51.36 -15.30 60.87
O6 NAG C . -51.58 -12.99 59.41
O7 NAG C . -51.20 -15.46 65.41
C1 NAG C . -55.35 -13.04 60.14
C2 NAG C . -56.42 -13.07 59.04
C3 NAG C . -56.99 -11.68 58.82
C4 NAG C . -57.49 -11.09 60.14
C5 NAG C . -56.37 -11.13 61.18
C6 NAG C . -56.81 -10.65 62.53
C7 NAG C . -56.16 -14.84 57.35
C8 NAG C . -55.52 -15.22 56.05
N2 NAG C . -55.88 -13.61 57.80
O3 NAG C . -58.05 -11.79 57.86
O4 NAG C . -57.91 -9.74 59.96
O5 NAG C . -55.90 -12.47 61.34
O6 NAG C . -57.54 -11.64 63.23
O7 NAG C . -56.89 -15.60 57.97
C1 BMA C . -59.29 -9.66 59.52
C2 BMA C . -60.04 -8.56 60.28
C3 BMA C . -61.47 -8.43 59.71
C4 BMA C . -61.48 -8.31 58.17
C5 BMA C . -60.64 -9.43 57.52
C6 BMA C . -60.50 -9.27 56.02
O2 BMA C . -59.42 -7.29 60.12
O3 BMA C . -62.16 -7.32 60.28
O4 BMA C . -62.82 -8.40 57.68
O5 BMA C . -59.32 -9.40 58.11
O6 BMA C . -59.78 -10.37 55.50
C1 FUC C . -51.31 -12.11 58.30
C2 FUC C . -52.12 -10.84 58.51
C3 FUC C . -51.78 -10.28 59.88
C4 FUC C . -50.28 -9.92 59.93
C5 FUC C . -49.42 -11.13 59.48
C6 FUC C . -47.98 -10.76 59.17
O2 FUC C . -53.51 -11.06 58.37
O3 FUC C . -52.53 -9.09 60.12
O4 FUC C . -50.03 -8.82 59.06
O5 FUC C . -49.94 -11.78 58.28
CA CA D . -26.87 -37.61 23.99
CA CA E . -23.46 -38.32 24.57
CA CA F . -17.86 -38.05 20.05
CA CA G . 4.72 -13.07 -5.96
CA CA H . 2.54 -10.32 -6.15
CA CA I . 4.57 -4.29 -8.92
CA CA J . 17.80 21.22 -41.24
CA CA K . 18.90 18.39 -43.89
CA CA L . 21.14 21.06 -50.06
CA CA M . 42.74 46.28 -76.68
CA CA N . 43.62 49.25 -74.41
CA CA O . 47.70 54.35 -77.05
C1 MAN P . -13.45 -39.75 9.52
C2 MAN P . -14.68 -40.12 8.65
C3 MAN P . -15.26 -41.47 9.08
C4 MAN P . -14.15 -42.54 9.27
C5 MAN P . -13.06 -42.01 10.20
C6 MAN P . -11.90 -42.97 10.38
O2 MAN P . -14.31 -40.27 7.27
O3 MAN P . -16.24 -41.93 8.16
O4 MAN P . -14.72 -43.71 9.83
O5 MAN P . -12.53 -40.79 9.64
O6 MAN P . -10.87 -42.32 11.11
C1 MAN Q . 1.44 7.53 -31.72
C2 MAN Q . 2.14 6.24 -31.22
C3 MAN Q . 2.74 5.44 -32.40
C4 MAN Q . 1.71 5.26 -33.53
C5 MAN Q . 1.17 6.64 -33.97
C6 MAN Q . 0.11 6.55 -35.04
O2 MAN Q . 1.22 5.36 -30.58
O3 MAN Q . 3.24 4.18 -31.98
O4 MAN Q . 2.32 4.62 -34.63
O5 MAN Q . 0.59 7.31 -32.83
O6 MAN Q . -0.36 7.86 -35.31
C1 NAG R . 25.96 44.65 -64.09
C2 NAG R . 25.63 45.68 -65.16
C3 NAG R . 25.38 47.06 -64.53
C4 NAG R . 24.31 46.95 -63.45
C5 NAG R . 24.70 45.88 -62.43
C6 NAG R . 23.64 45.66 -61.38
C7 NAG R . 26.71 45.05 -67.28
C8 NAG R . 27.89 45.26 -68.18
N2 NAG R . 26.70 45.76 -66.15
O3 NAG R . 24.97 47.98 -65.53
O4 NAG R . 24.17 48.21 -62.79
O5 NAG R . 24.91 44.63 -63.09
O6 NAG R . 22.33 45.67 -61.94
O7 NAG R . 25.80 44.27 -67.57
C1 MAN S . 44.41 78.07 -85.83
C2 MAN S . 44.24 76.55 -85.99
C3 MAN S . 44.17 76.17 -87.48
C4 MAN S . 43.15 77.04 -88.23
C5 MAN S . 43.50 78.51 -88.05
C6 MAN S . 42.50 79.44 -88.72
O2 MAN S . 43.00 76.11 -85.42
O3 MAN S . 43.86 74.80 -87.66
O4 MAN S . 43.16 76.71 -89.61
O5 MAN S . 43.51 78.82 -86.63
O6 MAN S . 43.21 80.47 -89.39
C1 NAG T . 58.03 56.97 -88.32
C2 NAG T . 58.28 55.52 -88.70
C3 NAG T . 59.36 54.92 -87.79
C4 NAG T . 60.61 55.78 -87.82
C5 NAG T . 60.27 57.24 -87.50
C6 NAG T . 61.46 58.17 -87.65
C7 NAG T . 56.30 54.54 -87.59
C8 NAG T . 55.08 53.69 -87.78
N2 NAG T . 57.07 54.72 -88.67
O3 NAG T . 59.67 53.59 -88.22
O4 NAG T . 61.55 55.30 -86.86
O5 NAG T . 59.25 57.72 -88.40
O6 NAG T . 61.87 58.27 -89.00
O7 NAG T . 56.57 55.04 -86.49
C1 MAN U . -16.35 -32.00 5.13
C2 MAN U . -17.86 -31.78 4.92
C3 MAN U . -18.42 -32.87 4.01
C4 MAN U . -17.62 -32.90 2.70
C5 MAN U . -16.15 -33.23 3.01
C6 MAN U . -15.27 -33.20 1.78
O2 MAN U . -18.11 -30.55 4.24
O3 MAN U . -19.80 -32.69 3.75
O4 MAN U . -18.15 -33.88 1.84
O5 MAN U . -15.61 -32.25 3.95
O6 MAN U . -13.96 -33.62 2.15
C1 MAN V . 17.70 27.74 -58.92
C2 MAN V . 18.76 28.42 -59.80
C3 MAN V . 19.02 29.86 -59.31
C4 MAN V . 17.70 30.63 -59.12
C5 MAN V . 16.72 29.82 -58.23
C6 MAN V . 15.36 30.47 -58.11
O2 MAN V . 18.31 28.54 -61.15
O3 MAN V . 19.90 30.56 -60.19
O4 MAN V . 17.96 31.87 -58.50
O5 MAN V . 16.53 28.51 -58.82
O6 MAN V . 14.59 29.69 -57.20
CA CA W . 42.57 19.34 -24.56
CA CA X . 42.91 15.79 -24.65
CA CA Y . 41.29 11.28 -19.71
CA CA Z . 11.79 -6.68 5.99
CA CA AA . 9.02 -3.42 4.79
CA CA BA . 2.98 -4.28 7.79
CA CA CA . -26.05 -11.73 39.44
CA CA DA . -24.16 -13.07 41.90
CA CA EA . -27.16 -14.39 47.93
CA CA FA . -55.18 -31.55 76.05
CA CA GA . -58.42 -32.19 73.65
CA CA HA . -63.81 -35.43 76.58
CA CA IA . -93.74 -38.80 109.13
CA CA JA . -95.34 -41.61 106.79
C1 MAN KA . 41.75 7.31 -9.41
C2 MAN KA . 42.37 8.34 -8.45
C3 MAN KA . 43.81 8.63 -8.87
C4 MAN KA . 44.62 7.33 -9.05
C5 MAN KA . 43.88 6.33 -9.97
C6 MAN KA . 44.55 4.96 -10.00
O2 MAN KA . 42.44 7.82 -7.11
O3 MAN KA . 44.46 9.49 -7.95
O4 MAN KA . 45.89 7.63 -9.63
O5 MAN KA . 42.53 6.14 -9.50
O6 MAN KA . 43.84 4.12 -10.89
C1 MAN LA . 33.83 11.31 -5.36
C2 MAN LA . 33.30 12.74 -5.13
C3 MAN LA . 34.41 13.61 -4.54
C4 MAN LA . 35.04 12.94 -3.31
C5 MAN LA . 35.54 11.53 -3.68
C6 MAN LA . 36.07 10.77 -2.48
O2 MAN LA . 32.23 12.76 -4.18
O3 MAN LA . 33.92 14.91 -4.20
O4 MAN LA . 36.13 13.72 -2.85
O5 MAN LA . 34.45 10.76 -4.22
O6 MAN LA . 36.37 9.44 -2.90
C1 MAN MA . -10.47 2.64 29.43
C2 MAN MA . -9.60 1.78 28.49
C3 MAN MA . -8.83 0.70 29.26
C4 MAN MA . -8.14 1.26 30.50
C5 MAN MA . -9.17 1.98 31.38
C6 MAN MA . -8.55 2.61 32.61
O2 MAN MA . -8.60 2.58 27.82
O3 MAN MA . -7.88 0.03 28.43
O4 MAN MA . -7.53 0.21 31.24
O5 MAN MA . -9.79 3.04 30.62
O6 MAN MA . -9.52 3.44 33.23
C1 MAN NA . -32.75 -10.86 57.04
C2 MAN NA . -33.92 -9.85 57.07
C3 MAN NA . -33.57 -8.60 56.26
C4 MAN NA . -32.20 -8.05 56.68
C5 MAN NA . -31.13 -9.14 56.55
C6 MAN NA . -29.76 -8.68 57.01
O2 MAN NA . -34.17 -9.39 58.40
O3 MAN NA . -34.58 -7.60 56.36
O4 MAN NA . -31.86 -6.93 55.87
O5 MAN NA . -31.51 -10.27 57.36
O6 MAN NA . -28.88 -9.81 56.98
C1 MAN OA . -84.84 -28.87 89.62
C2 MAN OA . -83.33 -28.89 89.96
C3 MAN OA . -83.11 -28.66 91.46
C4 MAN OA . -83.88 -27.42 91.93
C5 MAN OA . -85.36 -27.58 91.63
C6 MAN OA . -86.17 -26.36 92.02
O2 MAN OA . -82.63 -27.82 89.31
O3 MAN OA . -81.72 -28.55 91.78
O4 MAN OA . -83.69 -27.25 93.34
O5 MAN OA . -85.54 -27.78 90.19
O6 MAN OA . -87.46 -26.47 91.42
C1 MAN PA . -74.87 -28.13 85.09
C2 MAN PA . -73.93 -28.18 83.86
C3 MAN PA . -73.31 -26.80 83.63
C4 MAN PA . -74.39 -25.69 83.63
C5 MAN PA . -75.21 -25.78 84.92
C6 MAN PA . -76.34 -24.76 84.97
O2 MAN PA . -74.63 -28.51 82.67
O3 MAN PA . -72.55 -26.77 82.42
O4 MAN PA . -73.78 -24.41 83.54
O5 MAN PA . -75.80 -27.08 85.01
O6 MAN PA . -76.86 -24.76 86.30
C1 NAG QA . -67.94 -46.11 87.21
C2 NAG QA . -66.57 -46.55 86.69
C3 NAG QA . -66.69 -47.81 85.83
C4 NAG QA . -67.39 -48.91 86.59
C5 NAG QA . -68.75 -48.41 87.07
C6 NAG QA . -69.49 -49.42 87.92
C7 NAG QA . -64.61 -45.37 85.78
C8 NAG QA . -64.13 -44.19 84.98
N2 NAG QA . -65.94 -45.47 85.94
O3 NAG QA . -65.39 -48.24 85.44
O4 NAG QA . -67.58 -50.05 85.76
O5 NAG QA . -68.57 -47.24 87.88
O6 NAG QA . -69.27 -49.23 89.31
O7 NAG QA . -63.83 -46.19 86.25
#